data_3ON7
#
_entry.id   3ON7
#
_cell.length_a   65.189
_cell.length_b   95.678
_cell.length_c   184.490
_cell.angle_alpha   90.000
_cell.angle_beta   90.000
_cell.angle_gamma   90.000
#
_symmetry.space_group_name_H-M   'P 21 21 21'
#
loop_
_entity.id
_entity.type
_entity.pdbx_description
1 polymer 'Oxidoreductase, iron/ascorbate family'
2 non-polymer 'CHLORIDE ION'
3 non-polymer GLYCEROL
4 non-polymer DI(HYDROXYETHYL)ETHER
5 water water
#
_entity_poly.entity_id   1
_entity_poly.type   'polypeptide(L)'
_entity_poly.pdbx_seq_one_letter_code
;G(MSE)KLETIDYRAADSAKRFVESLRETGFGVLSNHPIDKELVERIYTEWQAFFNSEAKNEF(MSE)FNRETHDGFFPA
SISETAKGHTVKDIKEYYHVYPWGRIPDSLRANILAYYEKANTLASELLEWIETYSPDEIKAKFSIPLPE(MSE)IANSH
KTLLRILHYPP(MSE)TGDEE(MSE)GAIRAAAHEDINLITVLPTANEPGLQVKAKDGSWLDVPSDFGNIIINIGD
(MSE)LQEASDGYFPSTSHRVINPEGTDKTKSRISLPLFLHPHPSVVLSERYTADSYL(MSE)ERLRELGVL
;
_entity_poly.pdbx_strand_id   A,B,C,D
#
loop_
_chem_comp.id
_chem_comp.type
_chem_comp.name
_chem_comp.formula
CL non-polymer 'CHLORIDE ION' 'Cl -1'
GOL non-polymer GLYCEROL 'C3 H8 O3'
PEG non-polymer DI(HYDROXYETHYL)ETHER 'C4 H10 O3'
#
# COMPACT_ATOMS: atom_id res chain seq x y z
N LEU A 4 -25.05 -31.60 -6.42
CA LEU A 4 -25.45 -30.15 -6.52
C LEU A 4 -26.48 -30.04 -7.64
N GLU A 5 -27.71 -29.65 -7.28
CA GLU A 5 -28.79 -29.66 -8.26
C GLU A 5 -28.87 -28.31 -8.97
N THR A 6 -29.15 -28.37 -10.28
CA THR A 6 -29.40 -27.20 -11.09
C THR A 6 -30.84 -26.72 -10.87
N ILE A 7 -31.03 -25.44 -10.53
CA ILE A 7 -32.39 -24.89 -10.28
C ILE A 7 -32.89 -23.98 -11.40
N ASP A 8 -34.14 -24.18 -11.82
CA ASP A 8 -34.77 -23.38 -12.89
C ASP A 8 -35.16 -22.02 -12.31
N TYR A 9 -34.51 -20.96 -12.78
CA TYR A 9 -34.81 -19.59 -12.30
C TYR A 9 -36.29 -19.24 -12.43
N ARG A 10 -36.96 -19.83 -13.42
CA ARG A 10 -38.35 -19.51 -13.72
C ARG A 10 -39.33 -20.22 -12.79
N ALA A 11 -38.86 -21.21 -12.03
CA ALA A 11 -39.72 -22.05 -11.23
C ALA A 11 -40.32 -21.24 -10.08
N ALA A 12 -41.57 -21.54 -9.73
CA ALA A 12 -42.30 -20.82 -8.70
C ALA A 12 -41.55 -20.82 -7.38
N ASP A 13 -40.97 -21.98 -7.06
CA ASP A 13 -40.23 -22.20 -5.81
C ASP A 13 -38.73 -21.97 -5.93
N SER A 14 -38.27 -21.41 -7.06
CA SER A 14 -36.84 -21.28 -7.30
C SER A 14 -36.08 -20.53 -6.18
N ALA A 15 -36.62 -19.41 -5.72
CA ALA A 15 -35.96 -18.61 -4.70
C ALA A 15 -35.66 -19.48 -3.49
N LYS A 16 -36.68 -20.14 -2.96
CA LYS A 16 -36.55 -20.96 -1.75
C LYS A 16 -35.47 -22.04 -1.92
N ARG A 17 -35.59 -22.85 -2.97
CA ARG A 17 -34.63 -23.93 -3.22
C ARG A 17 -33.21 -23.38 -3.44
N PHE A 18 -33.10 -22.24 -4.09
CA PHE A 18 -31.80 -21.64 -4.38
C PHE A 18 -31.08 -21.26 -3.08
N VAL A 19 -31.78 -20.62 -2.14
CA VAL A 19 -31.12 -20.15 -0.94
C VAL A 19 -30.77 -21.34 -0.04
N GLU A 20 -31.63 -22.34 -0.03
CA GLU A 20 -31.39 -23.55 0.73
C GLU A 20 -30.15 -24.28 0.17
N SER A 21 -30.02 -24.32 -1.15
CA SER A 21 -28.77 -24.79 -1.78
C SER A 21 -27.57 -24.00 -1.22
N LEU A 22 -27.65 -22.67 -1.25
CA LEU A 22 -26.60 -21.83 -0.68
C LEU A 22 -26.31 -22.19 0.80
N ARG A 23 -27.36 -22.33 1.60
CA ARG A 23 -27.17 -22.62 3.03
C ARG A 23 -26.42 -23.93 3.28
N GLU A 24 -26.73 -24.95 2.50
CA GLU A 24 -26.20 -26.28 2.73
C GLU A 24 -24.81 -26.43 2.14
N THR A 25 -24.66 -26.00 0.90
CA THR A 25 -23.43 -26.27 0.13
C THR A 25 -22.55 -25.04 -0.07
N GLY A 26 -23.10 -23.84 0.12
CA GLY A 26 -22.35 -22.62 -0.18
C GLY A 26 -22.41 -22.19 -1.63
N PHE A 27 -23.12 -22.97 -2.44
CA PHE A 27 -23.22 -22.72 -3.88
C PHE A 27 -24.65 -22.89 -4.32
N GLY A 28 -24.99 -22.20 -5.42
CA GLY A 28 -26.31 -22.30 -6.06
C GLY A 28 -26.18 -22.20 -7.57
N VAL A 29 -26.86 -23.08 -8.29
CA VAL A 29 -26.78 -23.13 -9.75
C VAL A 29 -28.15 -22.82 -10.35
N LEU A 30 -28.16 -21.91 -11.32
CA LEU A 30 -29.41 -21.47 -11.93
C LEU A 30 -29.33 -21.67 -13.43
N SER A 31 -30.31 -22.37 -13.99
CA SER A 31 -30.49 -22.42 -15.43
C SER A 31 -31.62 -21.46 -15.79
N ASN A 32 -31.78 -21.18 -17.08
CA ASN A 32 -32.87 -20.34 -17.60
C ASN A 32 -32.90 -18.95 -16.95
N HIS A 33 -31.71 -18.41 -16.66
CA HIS A 33 -31.59 -17.10 -16.02
C HIS A 33 -31.75 -15.99 -17.08
N PRO A 34 -31.93 -14.74 -16.62
CA PRO A 34 -32.31 -13.64 -17.53
C PRO A 34 -31.15 -12.95 -18.28
N ILE A 35 -29.90 -13.32 -18.02
CA ILE A 35 -28.79 -12.64 -18.68
C ILE A 35 -28.67 -13.15 -20.12
N ASP A 36 -28.82 -12.23 -21.08
CA ASP A 36 -28.72 -12.53 -22.51
C ASP A 36 -27.52 -13.44 -22.80
N LYS A 37 -27.80 -14.70 -23.16
CA LYS A 37 -26.76 -15.72 -23.35
C LYS A 37 -25.88 -15.44 -24.58
N GLU A 38 -26.49 -14.83 -25.61
CA GLU A 38 -25.79 -14.46 -26.84
C GLU A 38 -24.80 -13.32 -26.61
N LEU A 39 -25.11 -12.45 -25.65
CA LEU A 39 -24.19 -11.39 -25.16
C LEU A 39 -22.93 -11.98 -24.52
N VAL A 40 -23.10 -13.01 -23.72
CA VAL A 40 -21.97 -13.71 -23.10
C VAL A 40 -21.05 -14.32 -24.16
N GLU A 41 -21.62 -15.00 -25.15
CA GLU A 41 -20.80 -15.61 -26.20
C GLU A 41 -20.10 -14.54 -27.07
N ARG A 42 -20.82 -13.46 -27.38
CA ARG A 42 -20.20 -12.32 -28.06
C ARG A 42 -18.98 -11.86 -27.25
N ILE A 43 -19.18 -11.69 -25.94
CA ILE A 43 -18.09 -11.28 -25.05
C ILE A 43 -16.90 -12.26 -25.09
N TYR A 44 -17.16 -13.55 -24.92
CA TYR A 44 -16.06 -14.52 -25.01
C TYR A 44 -15.28 -14.34 -26.29
N THR A 45 -15.97 -14.21 -27.42
CA THR A 45 -15.30 -14.17 -28.71
C THR A 45 -14.35 -12.98 -28.78
N GLU A 46 -14.86 -11.80 -28.45
CA GLU A 46 -14.09 -10.58 -28.64
C GLU A 46 -12.98 -10.40 -27.62
N TRP A 47 -13.15 -10.96 -26.42
CA TRP A 47 -12.06 -10.99 -25.46
C TRP A 47 -10.98 -12.02 -25.85
N GLN A 48 -11.40 -13.15 -26.42
CA GLN A 48 -10.44 -14.12 -26.95
C GLN A 48 -9.57 -13.48 -28.02
N ALA A 49 -10.19 -12.80 -28.99
CA ALA A 49 -9.45 -11.99 -29.96
C ALA A 49 -8.45 -11.10 -29.21
N PHE A 50 -8.95 -10.30 -28.27
CA PHE A 50 -8.10 -9.38 -27.48
C PHE A 50 -6.86 -10.09 -26.90
N PHE A 51 -7.07 -11.19 -26.19
CA PHE A 51 -5.94 -11.92 -25.60
C PHE A 51 -5.00 -12.49 -26.65
N ASN A 52 -5.52 -12.86 -27.82
CA ASN A 52 -4.67 -13.34 -28.94
C ASN A 52 -3.94 -12.21 -29.70
N SER A 53 -4.17 -10.97 -29.28
CA SER A 53 -3.62 -9.79 -29.95
C SER A 53 -2.44 -9.21 -29.20
N GLU A 54 -1.59 -8.51 -29.91
CA GLU A 54 -0.39 -7.88 -29.37
CA GLU A 54 -0.39 -7.93 -29.28
C GLU A 54 -0.78 -6.59 -28.66
N ALA A 55 -1.87 -5.99 -29.13
CA ALA A 55 -2.34 -4.72 -28.61
C ALA A 55 -2.72 -4.76 -27.13
N LYS A 56 -2.98 -5.94 -26.59
CA LYS A 56 -3.28 -6.09 -25.15
C LYS A 56 -2.25 -5.45 -24.21
N ASN A 57 -1.00 -5.36 -24.63
CA ASN A 57 0.04 -4.81 -23.78
C ASN A 57 -0.08 -3.30 -23.63
N GLU A 58 -0.89 -2.67 -24.47
CA GLU A 58 -1.16 -1.25 -24.32
C GLU A 58 -1.97 -0.93 -23.05
N PHE A 59 -2.55 -1.98 -22.46
CA PHE A 59 -3.42 -1.86 -21.29
C PHE A 59 -2.83 -2.49 -20.02
N MSE A 60 -1.52 -2.65 -19.98
CA MSE A 60 -0.82 -3.10 -18.76
C MSE A 60 -1.48 -2.45 -17.58
O MSE A 60 -1.69 -1.25 -17.60
CB MSE A 60 0.64 -2.69 -18.78
CG MSE A 60 1.50 -3.55 -19.70
SE MSE A 60 1.61 -5.39 -19.11
CE MSE A 60 2.14 -5.09 -17.29
N PHE A 61 -1.82 -3.22 -16.55
CA PHE A 61 -2.50 -2.71 -15.37
C PHE A 61 -1.82 -1.52 -14.74
N ASN A 62 -2.63 -0.61 -14.23
CA ASN A 62 -2.10 0.52 -13.49
C ASN A 62 -1.52 0.06 -12.15
N ARG A 63 -0.29 0.49 -11.86
CA ARG A 63 0.43 0.07 -10.64
C ARG A 63 -0.31 0.42 -9.37
N GLU A 64 -1.01 1.55 -9.38
CA GLU A 64 -1.62 2.04 -8.15
C GLU A 64 -2.91 1.35 -7.85
N THR A 65 -3.76 1.16 -8.86
CA THR A 65 -5.13 0.66 -8.62
C THR A 65 -5.44 -0.74 -9.19
N HIS A 66 -4.50 -1.33 -9.91
CA HIS A 66 -4.67 -2.70 -10.42
C HIS A 66 -5.87 -2.96 -11.34
N ASP A 67 -6.29 -1.91 -12.05
CA ASP A 67 -7.23 -2.04 -13.13
C ASP A 67 -6.45 -2.15 -14.42
N GLY A 68 -6.85 -3.09 -15.27
CA GLY A 68 -6.18 -3.31 -16.54
C GLY A 68 -5.81 -4.74 -16.82
N PHE A 69 -4.78 -4.90 -17.63
CA PHE A 69 -4.36 -6.21 -18.14
C PHE A 69 -3.16 -6.73 -17.37
N PHE A 70 -3.25 -8.00 -16.96
CA PHE A 70 -2.18 -8.73 -16.25
C PHE A 70 -1.68 -9.87 -17.13
N PRO A 71 -0.47 -9.74 -17.68
CA PRO A 71 0.09 -10.81 -18.50
C PRO A 71 0.57 -11.97 -17.64
N ALA A 72 0.70 -13.15 -18.26
CA ALA A 72 1.22 -14.33 -17.57
C ALA A 72 2.63 -14.12 -16.99
N SER A 73 3.46 -13.33 -17.67
CA SER A 73 4.78 -12.97 -17.13
C SER A 73 5.04 -11.46 -17.14
N THR A 82 13.42 -16.63 -15.50
CA THR A 82 12.09 -16.08 -15.23
C THR A 82 11.00 -17.17 -14.95
N VAL A 83 9.82 -16.69 -14.57
CA VAL A 83 8.72 -17.52 -14.10
C VAL A 83 7.49 -17.13 -14.91
N LYS A 84 6.56 -18.08 -15.11
CA LYS A 84 5.37 -17.84 -15.94
C LYS A 84 4.14 -18.57 -15.41
N ASP A 85 3.05 -17.83 -15.16
CA ASP A 85 1.79 -18.43 -14.71
C ASP A 85 1.05 -19.06 -15.90
N ILE A 86 -0.02 -19.80 -15.66
CA ILE A 86 -0.75 -20.48 -16.75
C ILE A 86 -2.05 -19.76 -17.16
N LYS A 87 -2.24 -18.54 -16.63
CA LYS A 87 -3.38 -17.70 -16.98
C LYS A 87 -2.92 -16.27 -17.13
N GLU A 88 -3.68 -15.51 -17.93
CA GLU A 88 -3.56 -14.05 -17.93
C GLU A 88 -4.97 -13.52 -17.67
N TYR A 89 -5.07 -12.26 -17.27
CA TYR A 89 -6.39 -11.73 -16.95
C TYR A 89 -6.51 -10.20 -17.04
N TYR A 90 -7.75 -9.75 -16.94
CA TYR A 90 -8.08 -8.34 -17.06
C TYR A 90 -9.06 -8.00 -15.95
N HIS A 91 -8.77 -6.94 -15.22
CA HIS A 91 -9.65 -6.44 -14.17
C HIS A 91 -10.50 -5.29 -14.70
N VAL A 92 -11.80 -5.53 -14.81
CA VAL A 92 -12.72 -4.53 -15.30
C VAL A 92 -13.46 -3.91 -14.14
N TYR A 93 -13.40 -2.59 -14.05
CA TYR A 93 -14.25 -1.83 -13.13
C TYR A 93 -14.94 -0.75 -13.94
N PRO A 94 -16.20 -0.40 -13.60
CA PRO A 94 -16.86 0.71 -14.30
C PRO A 94 -16.00 1.97 -14.30
N TRP A 95 -15.27 2.18 -13.22
CA TRP A 95 -14.39 3.36 -13.07
C TRP A 95 -12.99 3.19 -13.68
N GLY A 96 -12.70 1.99 -14.17
CA GLY A 96 -11.34 1.63 -14.55
C GLY A 96 -11.05 1.69 -16.05
N ARG A 97 -9.83 1.33 -16.39
CA ARG A 97 -9.41 1.32 -17.77
C ARG A 97 -9.99 0.10 -18.52
N ILE A 98 -10.71 0.40 -19.60
CA ILE A 98 -11.32 -0.62 -20.44
C ILE A 98 -11.08 -0.21 -21.89
N PRO A 99 -10.73 -1.17 -22.76
CA PRO A 99 -10.49 -0.78 -24.16
C PRO A 99 -11.76 -0.29 -24.83
N ASP A 100 -11.62 0.72 -25.69
CA ASP A 100 -12.79 1.36 -26.32
C ASP A 100 -13.71 0.38 -26.99
N SER A 101 -13.17 -0.56 -27.77
CA SER A 101 -14.03 -1.45 -28.58
C SER A 101 -14.69 -2.56 -27.79
N LEU A 102 -14.27 -2.76 -26.54
CA LEU A 102 -14.84 -3.77 -25.67
C LEU A 102 -15.76 -3.18 -24.59
N ARG A 103 -15.79 -1.87 -24.46
CA ARG A 103 -16.43 -1.21 -23.33
C ARG A 103 -17.93 -1.44 -23.27
N ALA A 104 -18.65 -1.22 -24.36
CA ALA A 104 -20.10 -1.27 -24.33
C ALA A 104 -20.55 -2.64 -23.83
N ASN A 105 -20.09 -3.70 -24.48
CA ASN A 105 -20.54 -5.04 -24.12
C ASN A 105 -20.19 -5.41 -22.67
N ILE A 106 -18.93 -5.26 -22.30
CA ILE A 106 -18.50 -5.69 -20.97
C ILE A 106 -19.23 -4.97 -19.82
N LEU A 107 -19.47 -3.66 -19.96
CA LEU A 107 -20.23 -2.94 -18.95
C LEU A 107 -21.74 -3.29 -19.02
N ALA A 108 -22.23 -3.58 -20.21
CA ALA A 108 -23.60 -4.08 -20.32
C ALA A 108 -23.73 -5.38 -19.51
N TYR A 109 -22.76 -6.28 -19.66
CA TYR A 109 -22.74 -7.53 -18.87
C TYR A 109 -22.55 -7.25 -17.40
N TYR A 110 -21.64 -6.33 -17.08
CA TYR A 110 -21.39 -5.96 -15.69
C TYR A 110 -22.67 -5.53 -15.00
N GLU A 111 -23.41 -4.65 -15.66
CA GLU A 111 -24.67 -4.16 -15.09
C GLU A 111 -25.75 -5.24 -14.97
N LYS A 112 -25.84 -6.10 -15.97
CA LYS A 112 -26.88 -7.16 -15.97
C LYS A 112 -26.56 -8.17 -14.86
N ALA A 113 -25.29 -8.49 -14.71
CA ALA A 113 -24.80 -9.37 -13.66
C ALA A 113 -25.02 -8.77 -12.27
N ASN A 114 -24.81 -7.46 -12.12
CA ASN A 114 -25.05 -6.81 -10.83
C ASN A 114 -26.53 -6.84 -10.46
N THR A 115 -27.36 -6.56 -11.44
CA THR A 115 -28.79 -6.52 -11.23
C THR A 115 -29.28 -7.89 -10.79
N LEU A 116 -28.84 -8.94 -11.47
CA LEU A 116 -29.22 -10.30 -11.09
C LEU A 116 -28.69 -10.59 -9.68
N ALA A 117 -27.45 -10.17 -9.39
CA ALA A 117 -26.87 -10.43 -8.05
C ALA A 117 -27.73 -9.77 -6.99
N SER A 118 -28.10 -8.52 -7.26
CA SER A 118 -28.94 -7.76 -6.35
C SER A 118 -30.27 -8.47 -6.09
N GLU A 119 -30.84 -9.07 -7.12
CA GLU A 119 -32.08 -9.85 -6.92
C GLU A 119 -31.80 -11.08 -6.03
N LEU A 120 -30.74 -11.81 -6.35
CA LEU A 120 -30.38 -13.01 -5.60
C LEU A 120 -30.12 -12.69 -4.12
N LEU A 121 -29.55 -11.51 -3.85
CA LEU A 121 -29.34 -11.05 -2.48
C LEU A 121 -30.66 -10.78 -1.76
N GLU A 122 -31.69 -10.32 -2.49
CA GLU A 122 -33.01 -10.15 -1.90
C GLU A 122 -33.54 -11.50 -1.47
N TRP A 123 -33.37 -12.50 -2.35
CA TRP A 123 -33.82 -13.87 -2.09
C TRP A 123 -33.20 -14.41 -0.82
N ILE A 124 -31.87 -14.28 -0.71
CA ILE A 124 -31.12 -14.69 0.48
C ILE A 124 -31.71 -14.04 1.74
N GLU A 125 -31.95 -12.74 1.67
CA GLU A 125 -32.46 -12.05 2.85
C GLU A 125 -33.87 -12.51 3.16
N THR A 126 -34.71 -12.66 2.14
CA THR A 126 -36.10 -13.09 2.30
C THR A 126 -36.18 -14.45 3.01
N TYR A 127 -35.31 -15.38 2.63
CA TYR A 127 -35.36 -16.74 3.16
C TYR A 127 -34.34 -17.04 4.28
N SER A 128 -33.75 -15.97 4.83
CA SER A 128 -33.02 -16.06 6.08
C SER A 128 -34.01 -16.06 7.23
N PRO A 129 -33.73 -16.86 8.28
CA PRO A 129 -34.53 -16.78 9.51
C PRO A 129 -34.44 -15.40 10.15
N ASP A 130 -35.47 -15.03 10.91
CA ASP A 130 -35.53 -13.74 11.57
C ASP A 130 -34.26 -13.47 12.41
N GLU A 131 -33.75 -14.47 13.13
CA GLU A 131 -32.55 -14.24 13.93
C GLU A 131 -31.28 -13.96 13.08
N ILE A 132 -31.30 -14.38 11.80
CA ILE A 132 -30.22 -14.09 10.85
C ILE A 132 -30.43 -12.73 10.17
N LYS A 133 -31.63 -12.50 9.63
CA LYS A 133 -32.04 -11.19 9.13
C LYS A 133 -31.59 -10.07 10.08
N ALA A 134 -31.86 -10.26 11.37
CA ALA A 134 -31.58 -9.26 12.39
C ALA A 134 -30.09 -8.87 12.51
N LYS A 135 -29.20 -9.72 11.98
CA LYS A 135 -27.75 -9.47 12.04
C LYS A 135 -27.21 -8.66 10.84
N PHE A 136 -28.02 -8.45 9.81
CA PHE A 136 -27.64 -7.64 8.67
C PHE A 136 -27.82 -6.16 9.00
N SER A 137 -26.72 -5.40 8.98
CA SER A 137 -26.72 -3.99 9.39
C SER A 137 -27.56 -3.15 8.43
N ILE A 138 -27.53 -3.50 7.16
CA ILE A 138 -28.38 -2.89 6.15
C ILE A 138 -28.86 -4.01 5.23
N PRO A 139 -29.89 -3.75 4.40
CA PRO A 139 -30.34 -4.83 3.54
C PRO A 139 -29.25 -5.29 2.57
N LEU A 140 -29.18 -6.60 2.33
CA LEU A 140 -28.06 -7.16 1.60
C LEU A 140 -27.80 -6.50 0.23
N PRO A 141 -28.86 -6.19 -0.54
CA PRO A 141 -28.62 -5.55 -1.86
C PRO A 141 -27.96 -4.18 -1.77
N GLU A 142 -28.26 -3.44 -0.70
CA GLU A 142 -27.66 -2.12 -0.50
C GLU A 142 -26.16 -2.21 -0.27
N MSE A 143 -25.71 -3.34 0.27
CA MSE A 143 -24.28 -3.50 0.53
C MSE A 143 -23.45 -3.44 -0.77
O MSE A 143 -22.28 -3.05 -0.72
CB MSE A 143 -23.99 -4.83 1.26
CG MSE A 143 -24.61 -4.96 2.63
SE MSE A 143 -24.07 -6.65 3.45
CE MSE A 143 -24.89 -6.44 5.13
N ILE A 144 -24.06 -3.75 -1.91
CA ILE A 144 -23.33 -3.80 -3.17
C ILE A 144 -23.74 -2.75 -4.20
N ALA A 145 -24.80 -1.96 -3.92
CA ALA A 145 -25.26 -0.92 -4.85
C ALA A 145 -24.16 0.09 -5.15
N ASN A 146 -23.71 0.16 -6.40
CA ASN A 146 -22.66 1.07 -6.80
C ASN A 146 -21.38 0.86 -5.97
N SER A 147 -21.10 -0.41 -5.64
CA SER A 147 -19.91 -0.77 -4.91
C SER A 147 -18.70 -0.47 -5.76
N HIS A 148 -17.83 0.36 -5.23
CA HIS A 148 -16.56 0.68 -5.80
C HIS A 148 -15.69 -0.55 -5.97
N LYS A 149 -15.78 -1.53 -5.08
CA LYS A 149 -14.83 -2.66 -5.09
C LYS A 149 -15.24 -3.86 -5.92
N THR A 150 -16.50 -3.90 -6.33
CA THR A 150 -16.98 -5.05 -7.11
C THR A 150 -16.10 -5.18 -8.35
N LEU A 151 -15.66 -6.39 -8.66
CA LEU A 151 -14.63 -6.61 -9.69
C LEU A 151 -15.13 -7.66 -10.65
N LEU A 152 -14.99 -7.39 -11.93
CA LEU A 152 -15.26 -8.33 -12.97
C LEU A 152 -13.91 -8.77 -13.50
N ARG A 153 -13.61 -10.05 -13.31
CA ARG A 153 -12.33 -10.60 -13.69
C ARG A 153 -12.49 -11.38 -15.00
N ILE A 154 -11.85 -10.93 -16.08
CA ILE A 154 -11.86 -11.71 -17.33
C ILE A 154 -10.59 -12.57 -17.32
N LEU A 155 -10.81 -13.88 -17.15
CA LEU A 155 -9.73 -14.85 -17.00
CA LEU A 155 -9.73 -14.87 -16.99
C LEU A 155 -9.45 -15.60 -18.30
N HIS A 156 -8.19 -15.67 -18.72
CA HIS A 156 -7.82 -16.43 -19.93
C HIS A 156 -6.69 -17.41 -19.67
N TYR A 157 -6.99 -18.70 -19.84
CA TYR A 157 -5.96 -19.75 -19.81
C TYR A 157 -5.56 -20.10 -21.24
N PRO A 158 -4.32 -19.78 -21.64
CA PRO A 158 -3.93 -20.02 -23.03
C PRO A 158 -3.68 -21.50 -23.34
N PRO A 159 -3.60 -21.83 -24.64
CA PRO A 159 -3.24 -23.20 -25.01
C PRO A 159 -1.85 -23.56 -24.52
N MSE A 160 -1.68 -24.83 -24.18
CA MSE A 160 -0.38 -25.36 -23.81
C MSE A 160 0.42 -25.62 -25.08
O MSE A 160 -0.10 -26.22 -26.02
CB MSE A 160 -0.57 -26.66 -23.05
CG MSE A 160 -1.38 -26.50 -21.78
SE MSE A 160 -0.26 -26.54 -20.22
CE MSE A 160 -1.56 -26.07 -18.86
N THR A 161 1.67 -25.15 -25.11
CA THR A 161 2.52 -25.23 -26.31
C THR A 161 3.56 -26.33 -26.19
N GLY A 162 3.47 -27.32 -27.07
CA GLY A 162 4.55 -28.30 -27.30
C GLY A 162 4.87 -29.24 -26.15
N ASP A 163 5.95 -28.91 -25.41
CA ASP A 163 6.40 -29.70 -24.27
C ASP A 163 5.51 -29.50 -23.05
N GLU A 164 5.09 -28.24 -22.83
CA GLU A 164 4.27 -27.85 -21.66
C GLU A 164 3.24 -28.90 -21.31
N GLU A 165 3.23 -29.33 -20.05
CA GLU A 165 2.30 -30.36 -19.58
C GLU A 165 1.24 -29.74 -18.65
N MSE A 166 -0.01 -30.14 -18.89
CA MSE A 166 -1.16 -29.63 -18.14
C MSE A 166 -1.30 -30.38 -16.80
O MSE A 166 -1.26 -31.61 -16.74
CB MSE A 166 -2.42 -29.82 -19.00
CG MSE A 166 -3.72 -29.63 -18.29
SE MSE A 166 -5.14 -29.43 -19.61
CE MSE A 166 -4.89 -27.53 -19.97
N GLY A 167 -1.48 -29.62 -15.72
CA GLY A 167 -1.59 -30.21 -14.40
C GLY A 167 -2.93 -30.87 -14.14
N ALA A 168 -2.99 -31.66 -13.06
CA ALA A 168 -4.26 -32.20 -12.55
C ALA A 168 -5.22 -31.09 -12.12
N ILE A 169 -4.66 -30.01 -11.58
CA ILE A 169 -5.47 -28.91 -11.05
C ILE A 169 -5.14 -27.60 -11.77
N ARG A 170 -6.19 -26.96 -12.28
CA ARG A 170 -6.09 -25.69 -13.03
C ARG A 170 -6.12 -24.51 -12.07
N ALA A 171 -7.11 -24.49 -11.17
CA ALA A 171 -7.17 -23.45 -10.12
C ALA A 171 -7.20 -24.10 -8.74
N ALA A 172 -6.17 -23.85 -7.94
CA ALA A 172 -6.04 -24.43 -6.60
C ALA A 172 -7.30 -24.20 -5.77
N ALA A 173 -7.56 -25.09 -4.81
CA ALA A 173 -8.72 -24.94 -3.92
C ALA A 173 -8.63 -23.61 -3.15
N HIS A 174 -9.77 -22.96 -2.97
CA HIS A 174 -9.82 -21.64 -2.29
C HIS A 174 -11.26 -21.19 -1.94
N GLU A 175 -11.34 -20.25 -0.99
CA GLU A 175 -12.59 -19.58 -0.64
C GLU A 175 -12.52 -18.14 -1.11
N ASP A 176 -13.64 -17.63 -1.61
CA ASP A 176 -13.75 -16.24 -1.98
C ASP A 176 -13.93 -15.40 -0.74
N ILE A 177 -13.31 -14.23 -0.69
CA ILE A 177 -13.39 -13.38 0.50
C ILE A 177 -14.64 -12.51 0.50
N ASN A 178 -15.15 -12.24 -0.70
CA ASN A 178 -16.13 -11.17 -0.89
C ASN A 178 -17.53 -11.55 -0.42
N LEU A 179 -18.58 -10.88 -0.90
CA LEU A 179 -19.93 -11.12 -0.41
C LEU A 179 -20.54 -12.31 -1.13
N ILE A 180 -20.76 -12.17 -2.44
CA ILE A 180 -21.14 -13.30 -3.30
C ILE A 180 -20.42 -13.15 -4.63
N THR A 181 -20.25 -14.27 -5.32
CA THR A 181 -19.59 -14.30 -6.62
C THR A 181 -20.54 -14.94 -7.65
N VAL A 182 -20.56 -14.40 -8.86
CA VAL A 182 -21.44 -14.83 -9.94
C VAL A 182 -20.58 -15.20 -11.15
N LEU A 183 -20.82 -16.38 -11.71
CA LEU A 183 -20.04 -16.90 -12.82
C LEU A 183 -20.87 -17.75 -13.82
N PRO A 184 -20.99 -17.32 -15.09
CA PRO A 184 -21.51 -18.22 -16.12
C PRO A 184 -20.52 -19.38 -16.38
N THR A 185 -21.03 -20.59 -16.59
CA THR A 185 -20.18 -21.72 -17.02
C THR A 185 -20.15 -21.83 -18.54
N ALA A 186 -19.17 -22.57 -19.10
CA ALA A 186 -19.09 -22.78 -20.58
C ALA A 186 -18.96 -24.24 -21.04
N ASN A 187 -19.54 -25.15 -20.26
CA ASN A 187 -19.59 -26.62 -20.59
C ASN A 187 -18.22 -27.26 -20.69
N GLU A 188 -17.36 -26.89 -19.76
CA GLU A 188 -16.03 -27.48 -19.62
C GLU A 188 -16.00 -27.93 -18.17
N PRO A 189 -16.34 -29.19 -17.90
CA PRO A 189 -16.38 -29.66 -16.52
C PRO A 189 -15.03 -29.47 -15.82
N GLY A 190 -15.06 -29.41 -14.49
CA GLY A 190 -13.84 -29.22 -13.70
C GLY A 190 -14.03 -28.43 -12.41
N LEU A 191 -14.98 -27.50 -12.40
CA LEU A 191 -15.31 -26.78 -11.17
C LEU A 191 -15.91 -27.78 -10.15
N GLN A 192 -15.43 -27.71 -8.91
CA GLN A 192 -15.86 -28.60 -7.85
C GLN A 192 -15.93 -27.81 -6.55
N VAL A 193 -16.77 -28.27 -5.62
CA VAL A 193 -16.96 -27.61 -4.34
CA VAL A 193 -17.00 -27.62 -4.34
C VAL A 193 -16.72 -28.60 -3.21
N LYS A 194 -16.18 -28.13 -2.10
CA LYS A 194 -15.88 -29.05 -1.00
C LYS A 194 -17.16 -29.46 -0.24
N ALA A 195 -17.39 -30.78 -0.16
CA ALA A 195 -18.49 -31.32 0.64
C ALA A 195 -18.10 -31.44 2.11
N LYS A 196 -19.10 -31.66 2.95
CA LYS A 196 -18.88 -31.78 4.39
C LYS A 196 -18.02 -33.00 4.73
N ASP A 197 -18.04 -34.03 3.89
CA ASP A 197 -17.39 -35.32 4.18
C ASP A 197 -15.97 -35.48 3.59
N GLY A 198 -15.43 -34.37 3.05
CA GLY A 198 -14.07 -34.33 2.49
C GLY A 198 -13.96 -34.61 1.00
N SER A 199 -15.06 -35.06 0.40
CA SER A 199 -15.11 -35.30 -1.05
C SER A 199 -15.44 -34.01 -1.80
N TRP A 200 -15.26 -34.05 -3.12
CA TRP A 200 -15.50 -32.94 -4.02
C TRP A 200 -16.74 -33.22 -4.86
N LEU A 201 -17.69 -32.28 -4.84
CA LEU A 201 -18.90 -32.33 -5.67
C LEU A 201 -18.70 -31.53 -6.97
N ASP A 202 -19.08 -32.12 -8.09
CA ASP A 202 -18.97 -31.48 -9.40
C ASP A 202 -20.10 -30.47 -9.58
N VAL A 203 -19.76 -29.26 -10.02
CA VAL A 203 -20.78 -28.24 -10.30
C VAL A 203 -21.29 -28.46 -11.72
N PRO A 204 -22.61 -28.73 -11.88
CA PRO A 204 -23.15 -28.93 -13.22
C PRO A 204 -22.85 -27.73 -14.08
N SER A 205 -22.17 -27.92 -15.21
CA SER A 205 -21.65 -26.77 -15.95
C SER A 205 -22.15 -26.69 -17.39
N ASP A 206 -23.39 -27.12 -17.62
CA ASP A 206 -24.03 -27.04 -18.94
C ASP A 206 -24.13 -25.59 -19.43
N PHE A 207 -24.40 -25.45 -20.73
CA PHE A 207 -24.57 -24.13 -21.32
C PHE A 207 -25.83 -23.49 -20.72
N GLY A 208 -25.74 -22.21 -20.37
CA GLY A 208 -26.88 -21.47 -19.81
C GLY A 208 -27.01 -21.53 -18.30
N ASN A 209 -26.14 -22.28 -17.63
CA ASN A 209 -26.10 -22.27 -16.17
C ASN A 209 -25.31 -21.07 -15.71
N ILE A 210 -25.75 -20.49 -14.60
CA ILE A 210 -24.95 -19.49 -13.92
C ILE A 210 -24.77 -20.01 -12.50
N ILE A 211 -23.55 -19.88 -11.99
CA ILE A 211 -23.14 -20.41 -10.69
C ILE A 211 -22.92 -19.25 -9.73
N ILE A 212 -23.52 -19.33 -8.55
CA ILE A 212 -23.37 -18.29 -7.53
C ILE A 212 -22.84 -18.93 -6.25
N ASN A 213 -21.94 -18.23 -5.54
CA ASN A 213 -21.45 -18.76 -4.28
C ASN A 213 -21.24 -17.69 -3.20
N ILE A 214 -21.38 -18.12 -1.95
CA ILE A 214 -21.18 -17.31 -0.77
C ILE A 214 -19.68 -17.10 -0.58
N GLY A 215 -19.28 -15.87 -0.26
CA GLY A 215 -17.91 -15.58 0.09
C GLY A 215 -17.80 -15.26 1.57
N ASP A 216 -16.56 -15.06 2.04
CA ASP A 216 -16.31 -14.97 3.49
C ASP A 216 -17.06 -13.84 4.19
N MSE A 217 -17.31 -12.73 3.50
CA MSE A 217 -17.98 -11.61 4.16
C MSE A 217 -19.47 -11.83 4.40
O MSE A 217 -20.03 -11.26 5.34
CB MSE A 217 -17.71 -10.30 3.41
CG MSE A 217 -16.30 -9.78 3.65
SE MSE A 217 -15.89 -8.30 2.51
CE MSE A 217 -13.98 -8.23 2.91
N LEU A 218 -20.13 -12.64 3.59
CA LEU A 218 -21.54 -12.97 3.87
C LEU A 218 -21.62 -14.08 4.94
N GLN A 219 -20.61 -14.95 4.97
CA GLN A 219 -20.50 -15.92 6.04
C GLN A 219 -20.45 -15.22 7.37
N GLU A 220 -19.63 -14.17 7.44
CA GLU A 220 -19.42 -13.40 8.66
C GLU A 220 -20.67 -12.59 9.01
N ALA A 221 -21.29 -11.99 7.99
CA ALA A 221 -22.50 -11.21 8.16
C ALA A 221 -23.66 -12.07 8.64
N SER A 222 -23.62 -13.36 8.31
CA SER A 222 -24.71 -14.28 8.65
C SER A 222 -24.41 -15.14 9.86
N ASP A 223 -23.31 -14.85 10.54
CA ASP A 223 -22.82 -15.65 11.69
C ASP A 223 -22.62 -17.15 11.38
N GLY A 224 -22.15 -17.46 10.17
CA GLY A 224 -21.87 -18.83 9.78
C GLY A 224 -23.04 -19.54 9.11
N TYR A 225 -24.21 -18.92 9.12
CA TYR A 225 -25.44 -19.51 8.57
C TYR A 225 -25.27 -19.86 7.10
N PHE A 226 -24.72 -18.94 6.32
CA PHE A 226 -24.32 -19.24 4.95
C PHE A 226 -22.81 -19.44 4.91
N PRO A 227 -22.37 -20.60 4.43
CA PRO A 227 -20.96 -20.91 4.51
C PRO A 227 -20.23 -20.54 3.24
N SER A 228 -19.01 -20.03 3.39
CA SER A 228 -18.13 -19.78 2.27
C SER A 228 -17.37 -21.05 2.00
N THR A 229 -17.56 -21.62 0.82
CA THR A 229 -17.09 -22.97 0.58
C THR A 229 -15.84 -22.99 -0.29
N SER A 230 -14.89 -23.82 0.14
CA SER A 230 -13.69 -24.08 -0.65
C SER A 230 -14.11 -24.69 -1.99
N HIS A 231 -13.46 -24.24 -3.06
CA HIS A 231 -13.76 -24.74 -4.41
C HIS A 231 -12.52 -24.71 -5.30
N ARG A 232 -12.54 -25.54 -6.35
CA ARG A 232 -11.39 -25.62 -7.26
C ARG A 232 -11.86 -25.95 -8.66
N VAL A 233 -10.95 -25.87 -9.62
CA VAL A 233 -11.20 -26.29 -10.99
C VAL A 233 -10.12 -27.31 -11.33
N ILE A 234 -10.51 -28.57 -11.57
CA ILE A 234 -9.59 -29.61 -12.04
C ILE A 234 -9.58 -29.75 -13.58
N ASN A 235 -8.59 -30.48 -14.08
CA ASN A 235 -8.56 -30.88 -15.48
C ASN A 235 -8.91 -32.36 -15.61
N PRO A 236 -10.22 -32.67 -15.70
CA PRO A 236 -10.61 -34.10 -15.78
C PRO A 236 -9.98 -34.78 -16.99
N GLU A 237 -9.80 -36.09 -16.90
CA GLU A 237 -9.18 -36.87 -17.97
C GLU A 237 -9.77 -36.48 -19.34
N GLY A 238 -8.89 -36.24 -20.30
CA GLY A 238 -9.29 -35.90 -21.66
C GLY A 238 -9.70 -34.45 -21.85
N THR A 239 -9.19 -33.55 -20.99
CA THR A 239 -9.29 -32.12 -21.23
C THR A 239 -8.26 -31.77 -22.31
N ASP A 240 -8.70 -30.94 -23.26
CA ASP A 240 -7.88 -30.60 -24.43
C ASP A 240 -6.90 -29.48 -24.07
N LYS A 241 -5.61 -29.79 -24.05
CA LYS A 241 -4.58 -28.83 -23.67
C LYS A 241 -4.43 -27.70 -24.72
N THR A 242 -4.94 -27.92 -25.93
CA THR A 242 -4.80 -26.93 -27.00
C THR A 242 -5.91 -25.86 -27.04
N LYS A 243 -6.96 -26.00 -26.22
CA LYS A 243 -8.07 -25.04 -26.23
C LYS A 243 -7.84 -23.89 -25.26
N SER A 244 -8.24 -22.69 -25.66
CA SER A 244 -8.24 -21.55 -24.74
C SER A 244 -9.49 -21.66 -23.85
N ARG A 245 -9.34 -21.30 -22.58
CA ARG A 245 -10.48 -21.20 -21.68
C ARG A 245 -10.64 -19.75 -21.19
N ILE A 246 -11.79 -19.14 -21.47
CA ILE A 246 -12.11 -17.80 -20.94
C ILE A 246 -13.22 -17.96 -19.94
N SER A 247 -13.17 -17.20 -18.85
CA SER A 247 -14.28 -17.15 -17.89
C SER A 247 -14.53 -15.72 -17.36
N LEU A 248 -15.75 -15.44 -16.90
CA LEU A 248 -16.12 -14.09 -16.51
C LEU A 248 -16.65 -13.97 -15.07
N PRO A 249 -15.84 -14.33 -14.06
CA PRO A 249 -16.36 -14.18 -12.70
C PRO A 249 -16.55 -12.73 -12.23
N LEU A 250 -17.68 -12.48 -11.57
CA LEU A 250 -17.98 -11.17 -11.00
C LEU A 250 -17.99 -11.34 -9.51
N PHE A 251 -17.11 -10.60 -8.85
CA PHE A 251 -16.94 -10.70 -7.41
C PHE A 251 -17.63 -9.51 -6.78
N LEU A 252 -18.81 -9.77 -6.20
CA LEU A 252 -19.57 -8.68 -5.58
C LEU A 252 -18.91 -8.38 -4.24
N HIS A 253 -18.39 -7.16 -4.08
CA HIS A 253 -17.83 -6.70 -2.81
C HIS A 253 -18.76 -5.70 -2.15
N PRO A 254 -18.91 -5.78 -0.80
CA PRO A 254 -19.68 -4.76 -0.13
C PRO A 254 -18.83 -3.50 0.02
N HIS A 255 -19.49 -2.36 0.19
CA HIS A 255 -18.82 -1.14 0.53
C HIS A 255 -17.95 -1.40 1.75
N PRO A 256 -16.72 -0.86 1.77
CA PRO A 256 -15.82 -1.08 2.91
C PRO A 256 -16.41 -0.74 4.26
N SER A 257 -17.20 0.34 4.33
CA SER A 257 -17.78 0.81 5.59
C SER A 257 -18.97 -0.03 6.08
N VAL A 258 -19.36 -1.07 5.35
CA VAL A 258 -20.45 -1.91 5.82
C VAL A 258 -20.05 -2.69 7.06
N VAL A 259 -20.89 -2.60 8.07
CA VAL A 259 -20.71 -3.34 9.30
C VAL A 259 -21.22 -4.74 9.05
N LEU A 260 -20.33 -5.72 9.08
CA LEU A 260 -20.67 -7.13 8.88
C LEU A 260 -21.18 -7.78 10.16
N SER A 261 -20.55 -7.45 11.28
CA SER A 261 -20.92 -8.04 12.56
C SER A 261 -20.47 -7.15 13.70
N GLU A 262 -20.58 -7.62 14.94
CA GLU A 262 -20.06 -6.88 16.08
C GLU A 262 -18.53 -6.78 16.05
N ARG A 263 -17.88 -7.67 15.31
CA ARG A 263 -16.42 -7.78 15.29
CA ARG A 263 -16.43 -7.79 15.30
C ARG A 263 -15.79 -7.01 14.13
N TYR A 264 -16.49 -6.93 12.98
CA TYR A 264 -15.91 -6.35 11.76
C TYR A 264 -16.82 -5.51 10.88
N THR A 265 -16.17 -4.54 10.21
CA THR A 265 -16.65 -3.92 8.99
C THR A 265 -15.94 -4.65 7.87
N ALA A 266 -16.44 -4.51 6.65
CA ALA A 266 -15.79 -5.10 5.47
C ALA A 266 -14.33 -4.65 5.35
N ASP A 267 -14.08 -3.38 5.66
CA ASP A 267 -12.75 -2.82 5.59
C ASP A 267 -11.82 -3.44 6.64
N SER A 268 -12.31 -3.62 7.86
CA SER A 268 -11.45 -4.13 8.93
C SER A 268 -11.26 -5.64 8.78
N TYR A 269 -12.26 -6.30 8.21
CA TYR A 269 -12.15 -7.72 7.90
C TYR A 269 -11.03 -7.92 6.88
N LEU A 270 -10.99 -7.08 5.86
CA LEU A 270 -9.93 -7.16 4.85
C LEU A 270 -8.58 -6.82 5.47
N MSE A 271 -8.47 -5.71 6.21
CA MSE A 271 -7.19 -5.37 6.82
C MSE A 271 -6.74 -6.54 7.71
O MSE A 271 -5.58 -6.91 7.69
CB MSE A 271 -7.24 -4.07 7.66
CG MSE A 271 -7.54 -2.82 6.91
SE MSE A 271 -6.25 -2.38 5.59
CE MSE A 271 -7.16 -2.87 3.96
N GLU A 272 -7.65 -7.13 8.48
CA GLU A 272 -7.26 -8.24 9.33
C GLU A 272 -6.67 -9.40 8.50
N ARG A 273 -7.26 -9.66 7.34
CA ARG A 273 -6.74 -10.70 6.46
C ARG A 273 -5.34 -10.33 6.02
N LEU A 274 -5.13 -9.06 5.70
CA LEU A 274 -3.80 -8.62 5.26
C LEU A 274 -2.74 -8.84 6.32
N ARG A 275 -3.08 -8.57 7.57
CA ARG A 275 -2.17 -8.83 8.70
C ARG A 275 -1.96 -10.33 8.93
N GLU A 276 -3.01 -11.15 8.77
CA GLU A 276 -2.85 -12.61 8.87
C GLU A 276 -1.91 -13.18 7.82
N LEU A 277 -1.92 -12.59 6.63
CA LEU A 277 -1.06 -13.04 5.54
C LEU A 277 0.34 -12.44 5.67
N GLY A 278 0.54 -11.54 6.63
CA GLY A 278 1.83 -10.89 6.84
C GLY A 278 2.26 -9.88 5.80
N VAL A 279 1.29 -9.32 5.10
CA VAL A 279 1.56 -8.28 4.11
C VAL A 279 2.01 -7.00 4.85
N LEU A 280 3.12 -6.41 4.43
CA LEU A 280 3.62 -5.20 5.09
C LEU A 280 2.77 -3.95 4.82
N MSE B 2 4.47 41.61 -3.31
CA MSE B 2 3.24 42.13 -3.99
C MSE B 2 2.21 41.01 -4.29
O MSE B 2 2.22 39.98 -3.62
CB MSE B 2 3.66 42.90 -5.26
CG MSE B 2 4.41 42.10 -6.31
SE MSE B 2 5.26 43.22 -7.67
CE MSE B 2 5.96 44.67 -6.54
N LYS B 3 1.32 41.22 -5.27
CA LYS B 3 0.15 40.35 -5.49
C LYS B 3 -0.01 39.85 -6.94
N LEU B 4 -0.72 38.73 -7.07
CA LEU B 4 -1.22 38.23 -8.36
C LEU B 4 -2.46 39.01 -8.81
N GLU B 5 -2.70 39.05 -10.11
CA GLU B 5 -3.82 39.82 -10.66
C GLU B 5 -5.14 39.06 -10.55
N THR B 6 -6.17 39.69 -9.99
CA THR B 6 -7.51 39.14 -10.06
C THR B 6 -8.05 39.36 -11.46
N ILE B 7 -8.46 38.29 -12.13
CA ILE B 7 -9.04 38.42 -13.48
C ILE B 7 -10.53 38.14 -13.43
N ASP B 8 -11.34 39.10 -13.87
CA ASP B 8 -12.79 38.92 -13.94
C ASP B 8 -13.16 37.97 -15.08
N TYR B 9 -13.79 36.85 -14.71
CA TYR B 9 -14.17 35.79 -15.64
C TYR B 9 -15.01 36.36 -16.75
N ARG B 10 -15.81 37.36 -16.43
CA ARG B 10 -16.77 37.91 -17.38
C ARG B 10 -16.12 38.71 -18.50
N ALA B 11 -14.94 39.27 -18.26
CA ALA B 11 -14.27 40.09 -19.28
C ALA B 11 -13.95 39.29 -20.56
N ALA B 12 -13.98 39.96 -21.70
CA ALA B 12 -13.78 39.30 -23.01
C ALA B 12 -12.36 38.74 -23.16
N ASP B 13 -11.38 39.47 -22.64
CA ASP B 13 -9.98 39.02 -22.69
C ASP B 13 -9.58 38.14 -21.50
N SER B 14 -10.53 37.60 -20.77
CA SER B 14 -10.20 36.90 -19.52
C SER B 14 -9.38 35.63 -19.78
N ALA B 15 -9.85 34.82 -20.72
CA ALA B 15 -9.18 33.56 -21.01
C ALA B 15 -7.70 33.80 -21.30
N LYS B 16 -7.42 34.72 -22.23
CA LYS B 16 -6.05 35.01 -22.66
C LYS B 16 -5.20 35.45 -21.50
N ARG B 17 -5.70 36.39 -20.71
CA ARG B 17 -4.95 36.92 -19.56
C ARG B 17 -4.77 35.87 -18.45
N PHE B 18 -5.75 34.99 -18.30
CA PHE B 18 -5.68 33.92 -17.30
C PHE B 18 -4.57 32.90 -17.61
N VAL B 19 -4.49 32.46 -18.86
CA VAL B 19 -3.49 31.48 -19.28
C VAL B 19 -2.09 32.09 -19.17
N GLU B 20 -1.99 33.38 -19.46
CA GLU B 20 -0.71 34.08 -19.31
C GLU B 20 -0.27 34.22 -17.83
N SER B 21 -1.23 34.43 -16.93
CA SER B 21 -0.91 34.46 -15.51
C SER B 21 -0.36 33.10 -15.03
N LEU B 22 -0.91 32.02 -15.59
CA LEU B 22 -0.49 30.67 -15.21
C LEU B 22 0.90 30.40 -15.72
N ARG B 23 1.15 30.76 -16.98
CA ARG B 23 2.48 30.61 -17.57
C ARG B 23 3.52 31.37 -16.76
N GLU B 24 3.19 32.61 -16.39
CA GLU B 24 4.16 33.46 -15.70
C GLU B 24 4.40 33.04 -14.24
N THR B 25 3.32 32.71 -13.51
CA THR B 25 3.41 32.50 -12.05
C THR B 25 3.01 31.12 -11.58
N GLY B 26 2.42 30.30 -12.45
CA GLY B 26 1.88 28.99 -12.02
C GLY B 26 0.48 29.05 -11.45
N PHE B 27 -0.07 30.26 -11.30
CA PHE B 27 -1.35 30.50 -10.65
C PHE B 27 -2.20 31.49 -11.44
N GLY B 28 -3.51 31.37 -11.28
CA GLY B 28 -4.47 32.29 -11.87
C GLY B 28 -5.59 32.51 -10.90
N VAL B 29 -6.08 33.74 -10.82
CA VAL B 29 -7.14 34.08 -9.87
C VAL B 29 -8.36 34.55 -10.69
N LEU B 30 -9.52 33.92 -10.51
CA LEU B 30 -10.73 34.31 -11.23
C LEU B 30 -11.80 34.84 -10.31
N SER B 31 -12.35 36.02 -10.63
CA SER B 31 -13.56 36.52 -9.96
C SER B 31 -14.80 36.35 -10.85
N ASN B 32 -15.97 36.46 -10.22
CA ASN B 32 -17.25 36.38 -10.93
C ASN B 32 -17.35 35.15 -11.84
N HIS B 33 -16.95 34.01 -11.31
CA HIS B 33 -17.00 32.73 -12.04
C HIS B 33 -18.42 32.17 -12.01
N PRO B 34 -18.68 31.11 -12.81
CA PRO B 34 -20.03 30.59 -12.92
C PRO B 34 -20.54 29.69 -11.80
N ILE B 35 -19.74 29.42 -10.79
CA ILE B 35 -20.20 28.53 -9.74
C ILE B 35 -21.01 29.31 -8.70
N ASP B 36 -22.27 28.90 -8.58
CA ASP B 36 -23.25 29.55 -7.69
C ASP B 36 -22.65 29.81 -6.32
N LYS B 37 -22.53 31.10 -5.99
CA LYS B 37 -21.99 31.64 -4.74
CA LYS B 37 -21.89 31.52 -4.76
C LYS B 37 -22.65 31.05 -3.51
N GLU B 38 -23.96 30.86 -3.61
CA GLU B 38 -24.71 30.41 -2.46
C GLU B 38 -24.58 28.90 -2.28
N LEU B 39 -24.23 28.17 -3.34
CA LEU B 39 -23.88 26.77 -3.19
C LEU B 39 -22.62 26.65 -2.35
N VAL B 40 -21.59 27.44 -2.68
CA VAL B 40 -20.34 27.42 -1.94
C VAL B 40 -20.55 27.78 -0.46
N GLU B 41 -21.43 28.74 -0.20
CA GLU B 41 -21.75 29.14 1.18
C GLU B 41 -22.53 28.04 1.90
N ARG B 42 -23.47 27.42 1.20
CA ARG B 42 -24.28 26.34 1.76
CA ARG B 42 -24.27 26.33 1.78
C ARG B 42 -23.36 25.16 2.16
N ILE B 43 -22.36 24.90 1.33
CA ILE B 43 -21.38 23.86 1.58
C ILE B 43 -20.47 24.19 2.78
N TYR B 44 -19.95 25.41 2.86
CA TYR B 44 -19.16 25.83 4.01
C TYR B 44 -19.95 25.62 5.30
N THR B 45 -21.22 26.02 5.25
CA THR B 45 -22.09 25.95 6.41
C THR B 45 -22.32 24.52 6.87
N GLU B 46 -22.71 23.63 5.98
CA GLU B 46 -23.09 22.30 6.44
C GLU B 46 -21.89 21.40 6.74
N TRP B 47 -20.73 21.69 6.15
CA TRP B 47 -19.53 20.93 6.47
C TRP B 47 -18.93 21.41 7.77
N GLN B 48 -18.97 22.71 8.01
CA GLN B 48 -18.64 23.22 9.33
C GLN B 48 -19.45 22.49 10.40
N ALA B 49 -20.74 22.40 10.16
CA ALA B 49 -21.65 21.64 11.03
C ALA B 49 -21.21 20.18 11.21
N PHE B 50 -20.88 19.52 10.11
CA PHE B 50 -20.38 18.16 10.15
C PHE B 50 -19.20 17.99 11.09
N PHE B 51 -18.21 18.88 10.97
CA PHE B 51 -16.99 18.79 11.79
C PHE B 51 -17.23 19.21 13.24
N ASN B 52 -18.30 19.96 13.48
CA ASN B 52 -18.63 20.42 14.83
C ASN B 52 -19.40 19.41 15.68
N SER B 53 -19.67 18.21 15.15
CA SER B 53 -20.39 17.10 15.81
CA SER B 53 -20.32 17.16 15.94
C SER B 53 -19.46 15.91 16.04
N GLU B 54 -19.76 15.07 17.03
CA GLU B 54 -18.98 13.85 17.18
C GLU B 54 -19.53 12.73 16.28
N ALA B 55 -20.67 12.99 15.64
CA ALA B 55 -21.23 12.05 14.67
C ALA B 55 -20.31 11.82 13.47
N LYS B 56 -19.39 12.75 13.23
CA LYS B 56 -18.42 12.63 12.15
C LYS B 56 -17.58 11.35 12.25
N ASN B 57 -17.35 10.91 13.49
CA ASN B 57 -16.52 9.75 13.74
C ASN B 57 -17.07 8.46 13.16
N GLU B 58 -18.37 8.45 12.83
CA GLU B 58 -18.97 7.33 12.09
C GLU B 58 -18.42 7.18 10.67
N PHE B 59 -17.78 8.21 10.14
CA PHE B 59 -17.26 8.18 8.78
C PHE B 59 -15.74 8.06 8.70
N MSE B 60 -15.12 7.50 9.74
CA MSE B 60 -13.67 7.26 9.76
C MSE B 60 -13.29 6.72 8.42
O MSE B 60 -13.93 5.81 7.92
CB MSE B 60 -13.24 6.20 10.80
CG MSE B 60 -13.25 6.64 12.27
SE MSE B 60 -12.12 8.16 12.62
CE MSE B 60 -10.57 7.45 11.70
N PHE B 61 -12.21 7.27 7.86
CA PHE B 61 -11.75 6.87 6.54
C PHE B 61 -11.53 5.39 6.42
N ASN B 62 -11.86 4.85 5.25
CA ASN B 62 -11.53 3.49 4.88
C ASN B 62 -10.02 3.36 4.71
N ARG B 63 -9.45 2.36 5.39
CA ARG B 63 -8.02 2.14 5.42
C ARG B 63 -7.49 1.73 4.06
N GLU B 64 -8.27 0.97 3.29
CA GLU B 64 -7.80 0.55 1.98
C GLU B 64 -7.67 1.68 1.00
N THR B 65 -8.76 2.44 0.84
CA THR B 65 -8.88 3.43 -0.22
C THR B 65 -8.82 4.91 0.25
N HIS B 66 -8.68 5.15 1.54
CA HIS B 66 -8.50 6.50 2.07
C HIS B 66 -9.57 7.53 1.65
N ASP B 67 -10.80 7.06 1.52
CA ASP B 67 -11.96 7.93 1.38
C ASP B 67 -12.66 8.05 2.72
N GLY B 68 -13.12 9.25 3.06
CA GLY B 68 -13.87 9.46 4.31
C GLY B 68 -13.24 10.50 5.23
N PHE B 69 -13.51 10.37 6.52
CA PHE B 69 -13.09 11.40 7.50
C PHE B 69 -11.73 11.10 8.17
N PHE B 70 -10.90 12.13 8.25
CA PHE B 70 -9.57 12.06 8.87
C PHE B 70 -9.50 12.96 10.09
N PRO B 71 -9.58 12.38 11.30
N PRO B 71 -9.58 12.38 11.30
CA PRO B 71 -9.51 13.23 12.48
CA PRO B 71 -9.51 13.23 12.48
C PRO B 71 -8.09 13.65 12.77
N ALA B 72 -7.93 14.65 13.62
CA ALA B 72 -6.63 15.01 14.19
C ALA B 72 -6.51 14.15 15.45
N SER B 73 -6.12 12.90 15.28
CA SER B 73 -6.01 11.99 16.42
C SER B 73 -4.95 12.51 17.39
N ILE B 74 -5.24 12.36 18.69
CA ILE B 74 -4.30 12.69 19.75
C ILE B 74 -3.56 11.41 20.13
N SER B 75 -2.24 11.45 20.17
CA SER B 75 -1.51 10.33 20.75
C SER B 75 -0.55 10.85 21.80
N GLU B 76 -0.18 10.00 22.75
CA GLU B 76 0.72 10.42 23.83
C GLU B 76 2.05 9.66 23.70
N THR B 77 3.15 10.34 23.98
CA THR B 77 4.49 9.82 23.71
C THR B 77 5.13 9.28 24.97
N ALA B 78 6.34 8.75 24.84
CA ALA B 78 7.07 8.20 25.99
C ALA B 78 7.33 9.23 27.12
N LYS B 79 7.47 10.50 26.76
CA LYS B 79 7.80 11.55 27.71
C LYS B 79 6.55 12.41 28.02
N GLY B 80 5.37 11.82 27.88
CA GLY B 80 4.14 12.52 28.18
C GLY B 80 3.88 13.77 27.36
N HIS B 81 4.40 13.81 26.13
CA HIS B 81 3.97 14.80 25.14
C HIS B 81 2.82 14.23 24.34
N THR B 82 2.12 15.09 23.61
CA THR B 82 1.05 14.66 22.72
C THR B 82 1.39 15.05 21.26
N VAL B 83 0.95 14.25 20.31
CA VAL B 83 1.07 14.58 18.90
C VAL B 83 -0.33 14.75 18.33
N LYS B 84 -0.57 15.87 17.66
CA LYS B 84 -1.90 16.23 17.17
C LYS B 84 -1.79 17.29 16.08
N ASP B 85 -2.26 16.99 14.89
CA ASP B 85 -2.20 17.93 13.79
C ASP B 85 -3.21 19.04 14.07
N ILE B 86 -3.07 20.17 13.37
CA ILE B 86 -3.90 21.36 13.57
C ILE B 86 -5.09 21.37 12.59
N LYS B 87 -5.34 20.25 11.92
CA LYS B 87 -6.43 20.14 10.97
C LYS B 87 -6.99 18.73 10.95
N GLU B 88 -8.27 18.64 10.57
CA GLU B 88 -8.97 17.38 10.30
C GLU B 88 -9.57 17.57 8.90
N TYR B 89 -9.90 16.50 8.21
CA TYR B 89 -10.38 16.67 6.86
C TYR B 89 -11.18 15.49 6.41
N TYR B 90 -11.85 15.67 5.29
CA TYR B 90 -12.66 14.65 4.67
C TYR B 90 -12.29 14.57 3.18
N HIS B 91 -12.06 13.34 2.71
CA HIS B 91 -11.74 13.09 1.30
C HIS B 91 -12.99 12.60 0.58
N VAL B 92 -13.47 13.45 -0.32
CA VAL B 92 -14.68 13.16 -1.09
C VAL B 92 -14.31 12.70 -2.49
N TYR B 93 -14.82 11.53 -2.87
CA TYR B 93 -14.83 11.07 -4.27
C TYR B 93 -16.24 10.68 -4.68
N PRO B 94 -16.61 10.88 -5.95
CA PRO B 94 -17.93 10.44 -6.45
C PRO B 94 -18.24 8.97 -6.13
N TRP B 95 -17.19 8.14 -6.16
CA TRP B 95 -17.30 6.71 -5.85
C TRP B 95 -17.22 6.38 -4.37
N GLY B 96 -16.87 7.35 -3.55
CA GLY B 96 -16.50 7.05 -2.18
C GLY B 96 -17.60 7.31 -1.16
N ARG B 97 -17.24 7.21 0.11
CA ARG B 97 -18.20 7.37 1.16
C ARG B 97 -18.47 8.83 1.42
N ILE B 98 -19.76 9.17 1.46
CA ILE B 98 -20.21 10.53 1.72
C ILE B 98 -21.46 10.44 2.63
N PRO B 99 -21.54 11.27 3.66
CA PRO B 99 -22.74 11.22 4.50
C PRO B 99 -23.97 11.61 3.70
N ASP B 100 -25.06 10.87 3.88
CA ASP B 100 -26.29 11.09 3.10
C ASP B 100 -26.73 12.53 3.05
N SER B 101 -26.68 13.22 4.20
CA SER B 101 -27.25 14.60 4.28
C SER B 101 -26.44 15.60 3.48
N LEU B 102 -25.20 15.24 3.12
CA LEU B 102 -24.27 16.15 2.46
C LEU B 102 -24.02 15.82 0.99
N ARG B 103 -24.41 14.64 0.52
CA ARG B 103 -24.08 14.14 -0.83
C ARG B 103 -24.52 15.06 -2.00
N ALA B 104 -25.78 15.50 -1.98
CA ALA B 104 -26.34 16.25 -3.11
C ALA B 104 -25.52 17.49 -3.39
N ASN B 105 -25.28 18.29 -2.37
CA ASN B 105 -24.57 19.55 -2.56
C ASN B 105 -23.12 19.34 -2.92
N ILE B 106 -22.46 18.37 -2.30
CA ILE B 106 -21.04 18.25 -2.52
C ILE B 106 -20.78 17.64 -3.90
N LEU B 107 -21.61 16.70 -4.35
CA LEU B 107 -21.45 16.19 -5.70
C LEU B 107 -21.93 17.19 -6.78
N ALA B 108 -22.91 18.03 -6.48
CA ALA B 108 -23.27 19.11 -7.40
C ALA B 108 -22.10 20.07 -7.52
N TYR B 109 -21.43 20.37 -6.42
CA TYR B 109 -20.25 21.22 -6.48
C TYR B 109 -19.11 20.57 -7.27
N TYR B 110 -18.80 19.32 -6.97
CA TYR B 110 -17.79 18.53 -7.68
C TYR B 110 -18.02 18.55 -9.20
N GLU B 111 -19.29 18.38 -9.58
CA GLU B 111 -19.66 18.34 -10.99
C GLU B 111 -19.40 19.72 -11.60
N LYS B 112 -19.85 20.76 -10.90
CA LYS B 112 -19.76 22.13 -11.39
C LYS B 112 -18.31 22.63 -11.45
N ALA B 113 -17.49 22.17 -10.52
CA ALA B 113 -16.10 22.58 -10.47
C ALA B 113 -15.27 21.83 -11.51
N ASN B 114 -15.62 20.57 -11.76
CA ASN B 114 -15.02 19.84 -12.86
C ASN B 114 -15.36 20.48 -14.20
N THR B 115 -16.60 20.96 -14.35
CA THR B 115 -17.02 21.67 -15.57
C THR B 115 -16.19 22.95 -15.75
N LEU B 116 -16.03 23.76 -14.71
CA LEU B 116 -15.18 24.96 -14.83
C LEU B 116 -13.74 24.56 -15.14
N ALA B 117 -13.20 23.55 -14.45
CA ALA B 117 -11.79 23.18 -14.64
C ALA B 117 -11.54 22.69 -16.07
N SER B 118 -12.57 22.05 -16.62
CA SER B 118 -12.54 21.55 -17.98
C SER B 118 -12.53 22.69 -18.98
N GLU B 119 -13.36 23.72 -18.75
CA GLU B 119 -13.31 24.91 -19.60
C GLU B 119 -11.95 25.58 -19.48
N LEU B 120 -11.42 25.67 -18.26
CA LEU B 120 -10.13 26.30 -18.03
C LEU B 120 -8.98 25.54 -18.72
N LEU B 121 -9.04 24.21 -18.69
CA LEU B 121 -8.05 23.43 -19.43
C LEU B 121 -8.17 23.67 -20.96
N GLU B 122 -9.39 23.81 -21.47
CA GLU B 122 -9.58 24.20 -22.87
C GLU B 122 -8.87 25.51 -23.14
N TRP B 123 -9.05 26.47 -22.23
CA TRP B 123 -8.37 27.77 -22.33
C TRP B 123 -6.87 27.60 -22.38
N ILE B 124 -6.35 26.76 -21.52
CA ILE B 124 -4.90 26.53 -21.44
C ILE B 124 -4.39 25.96 -22.76
N GLU B 125 -5.14 25.02 -23.34
CA GLU B 125 -4.74 24.41 -24.61
C GLU B 125 -4.81 25.44 -25.73
N THR B 126 -5.95 26.15 -25.83
CA THR B 126 -6.18 27.13 -26.89
C THR B 126 -5.03 28.14 -26.97
N TYR B 127 -4.64 28.70 -25.83
CA TYR B 127 -3.55 29.69 -25.78
C TYR B 127 -2.14 29.13 -25.56
N SER B 128 -1.96 27.82 -25.59
CA SER B 128 -0.61 27.25 -25.66
C SER B 128 -0.06 27.51 -27.06
N PRO B 129 1.27 27.75 -27.19
CA PRO B 129 1.85 27.75 -28.54
C PRO B 129 1.71 26.38 -29.21
N ASP B 130 1.78 26.35 -30.53
CA ASP B 130 1.55 25.12 -31.30
C ASP B 130 2.55 24.01 -30.95
N GLU B 131 3.78 24.39 -30.61
CA GLU B 131 4.83 23.45 -30.22
C GLU B 131 4.53 22.84 -28.84
N ILE B 132 3.88 23.61 -27.97
CA ILE B 132 3.47 23.11 -26.67
C ILE B 132 2.19 22.26 -26.83
N LYS B 133 1.23 22.71 -27.62
CA LYS B 133 0.04 21.90 -27.93
C LYS B 133 0.40 20.49 -28.34
N ALA B 134 1.39 20.37 -29.23
CA ALA B 134 1.79 19.07 -29.78
C ALA B 134 2.37 18.12 -28.72
N LYS B 135 2.76 18.64 -27.57
CA LYS B 135 3.27 17.79 -26.49
C LYS B 135 2.16 17.07 -25.70
N PHE B 136 0.93 17.58 -25.77
CA PHE B 136 -0.17 16.97 -25.04
C PHE B 136 -0.65 15.75 -25.80
N SER B 137 -0.61 14.59 -25.16
CA SER B 137 -0.90 13.32 -25.84
C SER B 137 -2.38 13.18 -26.21
N ILE B 138 -3.25 13.72 -25.38
CA ILE B 138 -4.66 13.82 -25.71
C ILE B 138 -5.08 15.20 -25.28
N PRO B 139 -6.24 15.67 -25.72
CA PRO B 139 -6.66 17.00 -25.26
C PRO B 139 -6.73 17.10 -23.74
N LEU B 140 -6.26 18.22 -23.19
CA LEU B 140 -6.15 18.39 -21.73
C LEU B 140 -7.46 18.04 -21.00
N PRO B 141 -8.60 18.48 -21.54
CA PRO B 141 -9.85 18.20 -20.86
C PRO B 141 -10.18 16.72 -20.75
N GLU B 142 -9.74 15.93 -21.74
CA GLU B 142 -10.00 14.50 -21.77
C GLU B 142 -9.22 13.77 -20.71
N MSE B 143 -8.11 14.36 -20.25
CA MSE B 143 -7.28 13.77 -19.20
C MSE B 143 -8.01 13.63 -17.87
O MSE B 143 -7.70 12.73 -17.10
CB MSE B 143 -5.99 14.60 -18.96
CG MSE B 143 -5.04 14.63 -20.14
SE MSE B 143 -3.40 15.62 -19.82
CE MSE B 143 -2.46 15.12 -21.46
N ILE B 144 -8.97 14.51 -17.60
CA ILE B 144 -9.68 14.52 -16.31
C ILE B 144 -11.16 14.10 -16.39
N ALA B 145 -11.68 13.92 -17.60
CA ALA B 145 -13.09 13.52 -17.73
C ALA B 145 -13.28 12.18 -17.01
N ASN B 146 -14.13 12.16 -15.98
CA ASN B 146 -14.45 10.94 -15.22
C ASN B 146 -13.23 10.28 -14.64
N SER B 147 -12.30 11.10 -14.16
CA SER B 147 -11.09 10.63 -13.54
C SER B 147 -11.38 10.09 -12.17
N HIS B 148 -10.90 8.87 -11.95
CA HIS B 148 -11.07 8.13 -10.71
C HIS B 148 -10.30 8.76 -9.56
N LYS B 149 -9.14 9.34 -9.88
CA LYS B 149 -8.27 9.89 -8.86
C LYS B 149 -8.60 11.31 -8.43
N THR B 150 -9.42 12.02 -9.19
CA THR B 150 -9.68 13.42 -8.85
C THR B 150 -10.29 13.44 -7.45
N LEU B 151 -9.74 14.30 -6.59
CA LEU B 151 -10.06 14.35 -5.16
C LEU B 151 -10.55 15.71 -4.73
N LEU B 152 -11.69 15.75 -4.04
CA LEU B 152 -12.19 16.96 -3.38
C LEU B 152 -11.94 16.76 -1.89
N ARG B 153 -11.02 17.55 -1.34
CA ARG B 153 -10.49 17.44 -0.01
C ARG B 153 -11.13 18.59 0.76
N ILE B 154 -11.88 18.29 1.81
CA ILE B 154 -12.52 19.32 2.62
C ILE B 154 -11.71 19.44 3.90
N LEU B 155 -11.01 20.58 4.05
CA LEU B 155 -10.11 20.82 5.18
CA LEU B 155 -10.09 20.82 5.17
C LEU B 155 -10.78 21.64 6.26
N HIS B 156 -10.57 21.26 7.53
CA HIS B 156 -11.05 22.03 8.66
C HIS B 156 -9.96 22.24 9.70
N TYR B 157 -9.57 23.49 9.90
CA TYR B 157 -8.70 23.89 10.98
C TYR B 157 -9.56 24.32 12.14
N PRO B 158 -9.59 23.52 13.22
CA PRO B 158 -10.40 23.91 14.37
C PRO B 158 -9.86 25.12 15.16
N PRO B 159 -10.75 25.79 15.91
CA PRO B 159 -10.32 26.88 16.77
C PRO B 159 -9.29 26.43 17.76
N MSE B 160 -8.37 27.32 18.10
CA MSE B 160 -7.47 27.14 19.24
C MSE B 160 -7.99 28.00 20.38
O MSE B 160 -8.44 29.10 20.17
CB MSE B 160 -6.07 27.60 18.86
CG MSE B 160 -5.54 26.96 17.58
SE MSE B 160 -3.65 27.18 17.47
CE MSE B 160 -3.31 26.22 15.82
N THR B 161 -7.88 27.50 21.61
CA THR B 161 -8.24 28.28 22.79
C THR B 161 -7.11 28.30 23.83
N GLY B 162 -7.29 29.11 24.86
CA GLY B 162 -6.34 29.16 25.96
C GLY B 162 -4.98 29.70 25.55
N ASP B 163 -3.95 28.93 25.88
CA ASP B 163 -2.53 29.28 25.66
CA ASP B 163 -2.56 29.37 25.60
C ASP B 163 -1.98 28.69 24.36
N GLU B 164 -2.75 27.83 23.70
CA GLU B 164 -2.37 27.22 22.41
C GLU B 164 -1.84 28.28 21.44
N GLU B 165 -0.63 28.06 20.94
CA GLU B 165 0.02 29.01 20.02
C GLU B 165 -0.35 28.68 18.58
N MSE B 166 -0.62 29.72 17.81
CA MSE B 166 -0.77 29.61 16.37
C MSE B 166 0.59 29.95 15.77
O MSE B 166 1.14 31.02 16.03
CB MSE B 166 -1.87 30.58 15.90
CG MSE B 166 -1.98 30.82 14.42
SE MSE B 166 -3.71 31.60 13.96
CE MSE B 166 -4.59 29.91 13.64
N GLY B 167 1.13 29.05 14.96
CA GLY B 167 2.38 29.31 14.26
C GLY B 167 2.21 30.34 13.16
N ALA B 168 3.32 30.93 12.73
CA ALA B 168 3.31 31.88 11.60
C ALA B 168 2.92 31.19 10.27
N ILE B 169 3.09 29.88 10.18
CA ILE B 169 2.80 29.14 8.95
C ILE B 169 1.73 28.07 9.23
N ARG B 170 0.63 28.12 8.49
CA ARG B 170 -0.50 27.22 8.66
C ARG B 170 -0.33 25.99 7.77
N ALA B 171 -0.06 26.23 6.48
CA ALA B 171 0.29 25.13 5.58
C ALA B 171 1.69 25.37 4.94
N ALA B 172 2.61 24.43 5.17
CA ALA B 172 3.98 24.51 4.64
C ALA B 172 4.05 24.65 3.12
N ALA B 173 5.11 25.30 2.65
CA ALA B 173 5.41 25.42 1.21
C ALA B 173 5.43 24.05 0.56
N HIS B 174 4.67 23.91 -0.51
CA HIS B 174 4.58 22.65 -1.23
C HIS B 174 4.20 22.91 -2.68
N GLU B 175 4.38 21.87 -3.49
CA GLU B 175 3.82 21.82 -4.83
C GLU B 175 2.74 20.76 -4.95
N ASP B 176 1.79 20.99 -5.84
CA ASP B 176 0.82 19.98 -6.18
C ASP B 176 1.41 19.07 -7.22
N ILE B 177 1.14 17.77 -7.09
CA ILE B 177 1.61 16.80 -8.07
C ILE B 177 0.70 16.68 -9.27
N ASN B 178 -0.54 17.11 -9.13
CA ASN B 178 -1.59 16.73 -10.10
C ASN B 178 -1.62 17.64 -11.33
N LEU B 179 -2.73 17.64 -12.07
CA LEU B 179 -2.82 18.42 -13.32
C LEU B 179 -3.10 19.86 -13.03
N ILE B 180 -4.29 20.16 -12.52
CA ILE B 180 -4.58 21.48 -11.96
C ILE B 180 -5.39 21.32 -10.69
N THR B 181 -5.30 22.34 -9.86
CA THR B 181 -6.03 22.42 -8.62
C THR B 181 -6.92 23.67 -8.62
N VAL B 182 -8.10 23.59 -8.02
CA VAL B 182 -9.11 24.64 -8.08
C VAL B 182 -9.62 24.95 -6.67
N LEU B 183 -9.48 26.19 -6.20
CA LEU B 183 -9.82 26.52 -4.79
C LEU B 183 -10.58 27.85 -4.63
N PRO B 184 -11.86 27.79 -4.19
CA PRO B 184 -12.55 28.99 -3.82
C PRO B 184 -11.96 29.57 -2.56
N THR B 185 -11.92 30.90 -2.47
CA THR B 185 -11.42 31.56 -1.28
C THR B 185 -12.58 32.21 -0.51
N ALA B 186 -12.30 32.66 0.73
CA ALA B 186 -13.34 33.22 1.62
C ALA B 186 -12.83 34.34 2.52
N ASN B 187 -12.09 35.28 1.92
CA ASN B 187 -11.61 36.50 2.56
C ASN B 187 -10.73 36.29 3.79
N GLU B 188 -9.94 35.23 3.76
CA GLU B 188 -8.95 34.94 4.80
C GLU B 188 -7.57 35.07 4.18
N PRO B 189 -6.91 36.22 4.37
CA PRO B 189 -5.61 36.38 3.70
C PRO B 189 -4.53 35.44 4.26
N GLY B 190 -3.59 35.03 3.42
CA GLY B 190 -2.47 34.18 3.87
C GLY B 190 -1.88 33.24 2.83
N LEU B 191 -2.68 32.87 1.83
CA LEU B 191 -2.21 32.04 0.73
C LEU B 191 -1.20 32.84 -0.06
N GLN B 192 -0.02 32.24 -0.26
CA GLN B 192 1.07 32.88 -0.99
C GLN B 192 1.73 31.95 -1.99
N VAL B 193 2.36 32.55 -2.99
CA VAL B 193 2.99 31.85 -4.10
C VAL B 193 4.40 32.38 -4.27
N LYS B 194 5.34 31.48 -4.48
CA LYS B 194 6.74 31.82 -4.63
C LYS B 194 7.03 32.43 -6.02
N ALA B 195 7.48 33.66 -6.03
CA ALA B 195 7.88 34.36 -7.23
C ALA B 195 9.29 33.94 -7.64
N LYS B 196 9.67 34.37 -8.84
CA LYS B 196 10.95 34.02 -9.45
C LYS B 196 12.17 34.60 -8.70
N ASP B 197 11.99 35.75 -8.05
CA ASP B 197 13.09 36.40 -7.33
C ASP B 197 13.18 35.95 -5.87
N GLY B 198 12.54 34.85 -5.52
CA GLY B 198 12.61 34.33 -4.16
C GLY B 198 11.60 34.88 -3.16
N SER B 199 10.95 36.00 -3.47
CA SER B 199 9.92 36.57 -2.58
C SER B 199 8.59 35.80 -2.66
N TRP B 200 7.68 36.13 -1.74
CA TRP B 200 6.34 35.55 -1.70
C TRP B 200 5.27 36.54 -2.21
N LEU B 201 4.42 36.07 -3.12
CA LEU B 201 3.31 36.85 -3.61
C LEU B 201 2.02 36.49 -2.87
N ASP B 202 1.26 37.50 -2.44
CA ASP B 202 -0.04 37.32 -1.83
C ASP B 202 -1.11 37.08 -2.90
N VAL B 203 -2.02 36.15 -2.62
CA VAL B 203 -3.10 35.83 -3.51
C VAL B 203 -4.35 36.54 -3.01
N PRO B 204 -4.97 37.39 -3.85
CA PRO B 204 -6.22 38.05 -3.46
C PRO B 204 -7.28 37.00 -3.17
N SER B 205 -7.78 36.98 -1.94
CA SER B 205 -8.59 35.87 -1.46
C SER B 205 -10.01 36.30 -1.06
N ASP B 206 -10.54 37.32 -1.73
CA ASP B 206 -11.92 37.81 -1.51
C ASP B 206 -12.95 36.70 -1.74
N PHE B 207 -14.10 36.81 -1.08
CA PHE B 207 -15.23 35.95 -1.35
C PHE B 207 -15.50 36.03 -2.84
N GLY B 208 -15.89 34.92 -3.45
CA GLY B 208 -16.17 34.88 -4.88
C GLY B 208 -14.94 34.70 -5.78
N ASN B 209 -13.74 34.73 -5.22
CA ASN B 209 -12.56 34.41 -6.03
C ASN B 209 -12.36 32.92 -6.08
N ILE B 210 -11.76 32.47 -7.18
CA ILE B 210 -11.40 31.08 -7.29
C ILE B 210 -9.95 31.04 -7.81
N ILE B 211 -9.11 30.28 -7.12
CA ILE B 211 -7.66 30.24 -7.37
C ILE B 211 -7.34 28.94 -8.07
N ILE B 212 -6.61 29.02 -9.16
CA ILE B 212 -6.28 27.87 -9.95
C ILE B 212 -4.79 27.79 -10.14
N ASN B 213 -4.21 26.62 -9.92
CA ASN B 213 -2.78 26.45 -10.09
C ASN B 213 -2.39 25.19 -10.87
N ILE B 214 -1.31 25.32 -11.64
CA ILE B 214 -0.65 24.24 -12.36
C ILE B 214 -0.05 23.28 -11.35
N GLY B 215 -0.15 21.98 -11.63
CA GLY B 215 0.50 20.93 -10.83
C GLY B 215 1.61 20.21 -11.61
N ASP B 216 2.44 19.43 -10.91
CA ASP B 216 3.63 18.83 -11.52
C ASP B 216 3.36 18.07 -12.81
N MSE B 217 2.24 17.37 -12.87
CA MSE B 217 1.93 16.60 -14.07
C MSE B 217 1.65 17.46 -15.32
O MSE B 217 1.95 17.02 -16.43
CB MSE B 217 0.82 15.60 -13.79
CG MSE B 217 1.32 14.37 -13.05
SE MSE B 217 -0.17 13.29 -12.52
CE MSE B 217 0.75 12.07 -11.33
N LEU B 218 1.12 18.68 -15.16
CA LEU B 218 0.95 19.60 -16.31
C LEU B 218 2.26 20.30 -16.66
N GLN B 219 3.11 20.54 -15.65
CA GLN B 219 4.46 21.02 -15.91
C GLN B 219 5.18 20.01 -16.80
N GLU B 220 5.09 18.74 -16.43
CA GLU B 220 5.71 17.67 -17.21
C GLU B 220 5.10 17.57 -18.60
N ALA B 221 3.77 17.64 -18.69
CA ALA B 221 3.10 17.50 -19.99
C ALA B 221 3.44 18.63 -20.96
N SER B 222 3.73 19.81 -20.42
CA SER B 222 3.98 21.00 -21.21
C SER B 222 5.46 21.35 -21.26
N ASP B 223 6.32 20.40 -20.89
CA ASP B 223 7.75 20.59 -20.89
C ASP B 223 8.19 21.88 -20.21
N GLY B 224 7.65 22.16 -19.03
CA GLY B 224 8.09 23.33 -18.26
C GLY B 224 7.49 24.66 -18.68
N TYR B 225 6.72 24.68 -19.76
CA TYR B 225 6.09 25.92 -20.24
C TYR B 225 5.13 26.48 -19.20
N PHE B 226 4.35 25.59 -18.56
CA PHE B 226 3.52 25.97 -17.44
C PHE B 226 4.18 25.48 -16.15
N PRO B 227 4.62 26.39 -15.28
CA PRO B 227 5.32 25.94 -14.09
C PRO B 227 4.39 25.48 -12.97
N SER B 228 4.78 24.40 -12.28
CA SER B 228 4.16 24.00 -11.01
C SER B 228 4.90 24.71 -9.91
N THR B 229 4.21 25.64 -9.26
CA THR B 229 4.86 26.63 -8.38
C THR B 229 4.57 26.34 -6.89
N SER B 230 5.58 26.67 -6.08
CA SER B 230 5.54 26.45 -4.66
C SER B 230 4.61 27.47 -4.02
N HIS B 231 3.67 26.97 -3.22
CA HIS B 231 2.73 27.81 -2.50
C HIS B 231 2.59 27.37 -1.04
N ARG B 232 2.20 28.32 -0.18
CA ARG B 232 1.98 28.09 1.26
C ARG B 232 0.82 28.92 1.80
N VAL B 233 0.42 28.66 3.05
CA VAL B 233 -0.54 29.52 3.72
C VAL B 233 0.08 30.01 5.03
N ILE B 234 0.27 31.33 5.16
CA ILE B 234 0.75 31.89 6.42
C ILE B 234 -0.44 32.39 7.24
N ASN B 235 -0.22 32.62 8.53
CA ASN B 235 -1.21 33.27 9.43
C ASN B 235 -0.72 34.68 9.70
N PRO B 236 -1.14 35.65 8.87
CA PRO B 236 -0.61 36.98 9.02
C PRO B 236 -1.13 37.65 10.28
N GLU B 237 -0.46 38.72 10.70
CA GLU B 237 -0.80 39.44 11.91
C GLU B 237 -2.27 39.84 11.82
N GLY B 238 -3.03 39.51 12.86
CA GLY B 238 -4.47 39.77 12.87
C GLY B 238 -5.35 38.53 12.77
N THR B 239 -4.80 37.45 12.22
CA THR B 239 -5.51 36.18 12.15
C THR B 239 -6.00 35.76 13.55
N ASP B 240 -7.30 35.49 13.66
CA ASP B 240 -7.91 35.17 14.93
C ASP B 240 -7.87 33.66 15.12
N LYS B 241 -7.07 33.21 16.09
CA LYS B 241 -6.85 31.77 16.28
C LYS B 241 -8.12 31.01 16.72
N THR B 242 -9.08 31.71 17.31
CA THR B 242 -10.30 31.09 17.81
C THR B 242 -11.35 30.85 16.74
N LYS B 243 -11.08 31.22 15.49
CA LYS B 243 -12.03 30.94 14.40
C LYS B 243 -11.67 29.69 13.61
N SER B 244 -12.69 28.90 13.28
CA SER B 244 -12.56 27.77 12.38
C SER B 244 -12.25 28.28 10.97
N ARG B 245 -11.54 27.47 10.20
CA ARG B 245 -11.40 27.73 8.77
C ARG B 245 -11.72 26.46 7.99
N ILE B 246 -12.62 26.60 7.03
CA ILE B 246 -13.00 25.53 6.11
C ILE B 246 -12.41 25.93 4.76
N SER B 247 -11.89 24.97 4.02
CA SER B 247 -11.48 25.19 2.61
C SER B 247 -11.73 23.93 1.76
N LEU B 248 -11.90 24.12 0.45
CA LEU B 248 -12.40 23.08 -0.45
C LEU B 248 -11.53 22.84 -1.69
N PRO B 249 -10.22 22.64 -1.52
CA PRO B 249 -9.41 22.48 -2.73
C PRO B 249 -9.87 21.24 -3.50
N LEU B 250 -9.97 21.34 -4.83
CA LEU B 250 -10.29 20.20 -5.68
C LEU B 250 -9.04 19.88 -6.51
N PHE B 251 -8.49 18.69 -6.34
CA PHE B 251 -7.27 18.26 -7.04
C PHE B 251 -7.62 17.44 -8.28
N LEU B 252 -7.48 18.05 -9.46
CA LEU B 252 -7.83 17.38 -10.72
C LEU B 252 -6.62 16.52 -11.08
N HIS B 253 -6.82 15.20 -11.16
CA HIS B 253 -5.75 14.26 -11.47
C HIS B 253 -6.07 13.62 -12.83
N PRO B 254 -5.05 13.43 -13.68
CA PRO B 254 -5.29 12.76 -14.95
C PRO B 254 -5.54 11.27 -14.77
N HIS B 255 -6.06 10.59 -15.80
CA HIS B 255 -6.17 9.14 -15.72
C HIS B 255 -4.74 8.60 -15.61
N PRO B 256 -4.52 7.54 -14.81
CA PRO B 256 -3.20 6.93 -14.64
C PRO B 256 -2.47 6.63 -15.95
N SER B 257 -3.18 6.07 -16.91
CA SER B 257 -2.60 5.69 -18.18
C SER B 257 -2.34 6.84 -19.15
N VAL B 258 -2.62 8.08 -18.77
CA VAL B 258 -2.34 9.19 -19.68
C VAL B 258 -0.84 9.35 -19.82
N VAL B 259 -0.37 9.41 -21.06
CA VAL B 259 1.04 9.67 -21.31
C VAL B 259 1.27 11.15 -21.13
N LEU B 260 2.25 11.52 -20.31
CA LEU B 260 2.54 12.93 -20.03
C LEU B 260 3.64 13.46 -20.92
N SER B 261 4.58 12.58 -21.27
CA SER B 261 5.78 12.93 -21.99
C SER B 261 6.41 11.63 -22.50
N GLU B 262 7.59 11.77 -23.12
CA GLU B 262 8.36 10.62 -23.56
C GLU B 262 8.84 9.78 -22.37
N ARG B 263 8.85 10.36 -21.18
CA ARG B 263 9.45 9.75 -19.98
C ARG B 263 8.45 9.16 -19.00
N TYR B 264 7.25 9.72 -18.93
CA TYR B 264 6.27 9.29 -17.96
C TYR B 264 4.83 9.20 -18.44
N THR B 265 4.11 8.22 -17.90
CA THR B 265 2.65 8.30 -17.76
C THR B 265 2.36 8.89 -16.37
N ALA B 266 1.09 9.21 -16.11
CA ALA B 266 0.74 9.78 -14.79
C ALA B 266 1.04 8.74 -13.71
N ASP B 267 0.70 7.49 -14.01
CA ASP B 267 0.97 6.37 -13.12
C ASP B 267 2.47 6.19 -12.84
N SER B 268 3.31 6.17 -13.88
CA SER B 268 4.74 5.98 -13.66
C SER B 268 5.37 7.20 -13.01
N TYR B 269 4.77 8.37 -13.22
CA TYR B 269 5.26 9.58 -12.58
C TYR B 269 5.01 9.49 -11.07
N LEU B 270 3.84 9.04 -10.66
CA LEU B 270 3.53 8.88 -9.24
C LEU B 270 4.46 7.80 -8.63
N MSE B 271 4.56 6.65 -9.29
CA MSE B 271 5.39 5.57 -8.77
C MSE B 271 6.80 6.12 -8.52
O MSE B 271 7.40 5.86 -7.48
CB MSE B 271 5.44 4.36 -9.73
CG MSE B 271 4.20 3.48 -9.81
SE MSE B 271 3.37 2.95 -8.12
CE MSE B 271 2.09 4.32 -7.99
N GLU B 272 7.31 6.91 -9.47
CA GLU B 272 8.65 7.48 -9.30
C GLU B 272 8.73 8.39 -8.07
N ARG B 273 7.66 9.14 -7.81
CA ARG B 273 7.64 10.03 -6.63
C ARG B 273 7.71 9.22 -5.35
N LEU B 274 6.92 8.15 -5.30
CA LEU B 274 6.95 7.22 -4.18
C LEU B 274 8.32 6.59 -3.94
N ARG B 275 8.98 6.18 -5.03
CA ARG B 275 10.33 5.64 -4.90
C ARG B 275 11.29 6.71 -4.40
N GLU B 276 11.26 7.90 -4.98
CA GLU B 276 12.07 9.03 -4.46
C GLU B 276 11.79 9.34 -2.99
N LEU B 277 10.54 9.20 -2.58
CA LEU B 277 10.20 9.45 -1.17
C LEU B 277 10.61 8.29 -0.25
N GLY B 278 11.02 7.16 -0.82
CA GLY B 278 11.42 6.03 -0.02
C GLY B 278 10.27 5.24 0.58
N VAL B 279 9.07 5.38 0.00
CA VAL B 279 7.89 4.63 0.43
C VAL B 279 8.08 3.16 0.04
N LEU B 280 8.01 2.27 1.03
CA LEU B 280 8.14 0.85 0.76
C LEU B 280 6.95 0.29 -0.02
N MSE C 2 25.09 34.72 -2.08
CA MSE C 2 25.16 33.43 -1.34
C MSE C 2 26.15 32.55 -2.08
O MSE C 2 26.19 32.56 -3.32
CB MSE C 2 23.76 32.78 -1.26
CG MSE C 2 23.62 31.57 -0.28
SE MSE C 2 21.87 30.55 -0.34
CE MSE C 2 20.75 31.84 0.64
N LYS C 3 26.98 31.79 -1.34
CA LYS C 3 28.00 30.91 -1.95
C LYS C 3 28.07 29.58 -1.20
N LEU C 4 28.54 28.52 -1.88
CA LEU C 4 28.70 27.20 -1.23
C LEU C 4 30.17 26.81 -1.11
N GLU C 5 30.63 26.75 0.13
CA GLU C 5 32.02 26.61 0.50
C GLU C 5 32.31 25.14 0.72
N THR C 6 33.44 24.66 0.20
CA THR C 6 33.94 23.35 0.56
C THR C 6 34.66 23.48 1.89
N ILE C 7 34.27 22.65 2.85
CA ILE C 7 34.84 22.67 4.19
C ILE C 7 35.67 21.40 4.38
N ASP C 8 36.94 21.58 4.70
CA ASP C 8 37.81 20.45 5.03
C ASP C 8 37.32 19.76 6.32
N TYR C 9 36.82 18.54 6.22
CA TYR C 9 36.35 17.78 7.41
C TYR C 9 37.33 17.78 8.59
N ARG C 10 38.63 17.74 8.29
CA ARG C 10 39.71 17.68 9.28
C ARG C 10 39.97 18.99 9.99
N ALA C 11 39.51 20.10 9.41
CA ALA C 11 39.73 21.41 10.03
C ALA C 11 39.18 21.45 11.46
N ALA C 12 39.88 22.16 12.32
CA ALA C 12 39.56 22.23 13.74
C ALA C 12 38.16 22.78 13.97
N ASP C 13 37.77 23.75 13.13
CA ASP C 13 36.46 24.41 13.21
C ASP C 13 35.46 23.95 12.12
N SER C 14 35.65 22.75 11.58
CA SER C 14 34.78 22.27 10.50
C SER C 14 33.30 22.07 10.88
N ALA C 15 33.03 21.63 12.12
CA ALA C 15 31.66 21.34 12.53
C ALA C 15 30.81 22.61 12.58
N LYS C 16 31.30 23.60 13.30
CA LYS C 16 30.69 24.92 13.38
C LYS C 16 30.36 25.51 12.00
N ARG C 17 31.32 25.44 11.08
CA ARG C 17 31.15 26.01 9.74
C ARG C 17 30.17 25.21 8.92
N PHE C 18 30.29 23.90 9.03
CA PHE C 18 29.42 22.97 8.33
C PHE C 18 27.97 23.18 8.72
N VAL C 19 27.70 23.28 10.02
CA VAL C 19 26.34 23.47 10.50
C VAL C 19 25.79 24.84 10.08
N GLU C 20 26.61 25.88 10.19
CA GLU C 20 26.17 27.18 9.73
C GLU C 20 25.85 27.12 8.22
N SER C 21 26.58 26.30 7.47
CA SER C 21 26.31 26.20 6.03
C SER C 21 24.94 25.55 5.83
N LEU C 22 24.64 24.52 6.61
CA LEU C 22 23.31 23.89 6.56
C LEU C 22 22.20 24.87 6.92
N ARG C 23 22.41 25.68 7.97
CA ARG C 23 21.38 26.61 8.41
C ARG C 23 21.10 27.69 7.37
N GLU C 24 22.15 28.25 6.79
CA GLU C 24 22.02 29.28 5.76
C GLU C 24 21.45 28.77 4.40
N THR C 25 21.84 27.58 3.96
CA THR C 25 21.57 27.13 2.58
C THR C 25 20.82 25.82 2.45
N GLY C 26 20.72 25.06 3.54
CA GLY C 26 20.20 23.70 3.50
C GLY C 26 21.24 22.66 3.14
N PHE C 27 22.45 23.11 2.77
CA PHE C 27 23.52 22.23 2.30
C PHE C 27 24.84 22.47 3.01
N GLY C 28 25.66 21.43 3.07
CA GLY C 28 27.06 21.55 3.49
C GLY C 28 27.93 20.62 2.64
N VAL C 29 29.14 21.04 2.33
CA VAL C 29 30.02 20.31 1.45
C VAL C 29 31.30 20.02 2.25
N LEU C 30 31.68 18.75 2.35
CA LEU C 30 32.88 18.37 3.08
C LEU C 30 33.89 17.70 2.16
N SER C 31 35.15 18.13 2.26
CA SER C 31 36.26 17.45 1.61
C SER C 31 37.03 16.70 2.67
N ASN C 32 38.02 15.90 2.25
CA ASN C 32 38.87 15.13 3.16
C ASN C 32 38.10 14.38 4.25
N HIS C 33 37.05 13.68 3.86
CA HIS C 33 36.20 12.96 4.80
C HIS C 33 36.75 11.56 5.01
N PRO C 34 36.25 10.84 6.04
CA PRO C 34 36.79 9.54 6.38
C PRO C 34 36.47 8.39 5.41
N ILE C 35 35.51 8.55 4.52
CA ILE C 35 35.16 7.43 3.62
C ILE C 35 36.22 7.28 2.52
N ASP C 36 36.79 6.09 2.44
CA ASP C 36 37.87 5.77 1.50
C ASP C 36 37.45 5.96 0.05
N LYS C 37 38.07 6.93 -0.62
CA LYS C 37 37.82 7.19 -2.05
C LYS C 37 37.90 5.94 -2.91
N GLU C 38 38.84 5.05 -2.61
CA GLU C 38 39.05 3.85 -3.42
C GLU C 38 37.89 2.86 -3.32
N LEU C 39 37.25 2.78 -2.15
CA LEU C 39 36.00 2.02 -2.00
C LEU C 39 34.90 2.60 -2.90
N VAL C 40 34.74 3.91 -2.86
CA VAL C 40 33.74 4.58 -3.68
C VAL C 40 34.04 4.36 -5.17
N GLU C 41 35.31 4.54 -5.56
CA GLU C 41 35.70 4.25 -6.93
C GLU C 41 35.37 2.80 -7.33
N ARG C 42 35.73 1.85 -6.48
CA ARG C 42 35.49 0.44 -6.75
C ARG C 42 33.98 0.20 -6.88
N ILE C 43 33.19 0.84 -6.02
CA ILE C 43 31.73 0.76 -6.10
C ILE C 43 31.19 1.29 -7.46
N TYR C 44 31.62 2.48 -7.85
CA TYR C 44 31.22 3.01 -9.17
C TYR C 44 31.51 2.00 -10.28
N THR C 45 32.74 1.48 -10.29
CA THR C 45 33.21 0.59 -11.34
C THR C 45 32.37 -0.69 -11.43
N GLU C 46 32.14 -1.35 -10.31
CA GLU C 46 31.44 -2.62 -10.33
C GLU C 46 29.95 -2.47 -10.58
N TRP C 47 29.34 -1.41 -10.06
CA TRP C 47 27.92 -1.16 -10.32
C TRP C 47 27.67 -0.72 -11.76
N GLN C 48 28.59 0.03 -12.34
CA GLN C 48 28.53 0.33 -13.78
C GLN C 48 28.45 -0.95 -14.62
N ALA C 49 29.32 -1.92 -14.28
CA ALA C 49 29.32 -3.19 -15.00
C ALA C 49 28.00 -3.94 -14.80
N PHE C 50 27.49 -3.91 -13.57
CA PHE C 50 26.20 -4.51 -13.24
C PHE C 50 25.10 -3.93 -14.11
N PHE C 51 25.03 -2.61 -14.19
CA PHE C 51 24.00 -1.96 -15.01
C PHE C 51 24.18 -2.20 -16.49
N ASN C 52 25.44 -2.33 -16.92
CA ASN C 52 25.76 -2.61 -18.29
C ASN C 52 25.85 -4.12 -18.52
N SER C 53 24.91 -4.88 -17.95
CA SER C 53 24.85 -6.33 -18.12
C SER C 53 23.42 -6.78 -18.17
N GLU C 54 23.23 -8.01 -18.63
CA GLU C 54 21.94 -8.64 -18.67
C GLU C 54 21.56 -9.17 -17.30
N ALA C 55 22.57 -9.41 -16.47
CA ALA C 55 22.39 -9.96 -15.13
C ALA C 55 21.42 -9.16 -14.27
N LYS C 56 21.30 -7.88 -14.57
CA LYS C 56 20.53 -7.01 -13.71
C LYS C 56 19.05 -7.40 -13.67
N ASN C 57 18.58 -8.01 -14.76
CA ASN C 57 17.18 -8.35 -14.90
C ASN C 57 16.74 -9.53 -14.04
N GLU C 58 17.69 -10.21 -13.39
CA GLU C 58 17.36 -11.22 -12.39
C GLU C 58 17.03 -10.59 -11.03
N PHE C 59 17.33 -9.32 -10.86
CA PHE C 59 17.13 -8.63 -9.58
C PHE C 59 15.98 -7.62 -9.61
N MSE C 60 15.02 -7.84 -10.52
CA MSE C 60 13.84 -6.99 -10.68
C MSE C 60 13.24 -6.76 -9.31
O MSE C 60 13.07 -7.70 -8.55
CB MSE C 60 12.77 -7.65 -11.56
CG MSE C 60 13.08 -7.73 -13.03
SE MSE C 60 13.17 -5.98 -13.85
CE MSE C 60 11.52 -5.21 -13.15
N PHE C 61 12.91 -5.51 -9.03
CA PHE C 61 12.49 -5.11 -7.67
C PHE C 61 11.33 -5.96 -7.14
N ASN C 62 11.37 -6.26 -5.84
CA ASN C 62 10.28 -6.98 -5.23
C ASN C 62 9.07 -6.05 -5.20
N ARG C 63 7.94 -6.54 -5.70
CA ARG C 63 6.71 -5.74 -5.83
C ARG C 63 6.19 -5.23 -4.49
N GLU C 64 6.38 -6.02 -3.44
CA GLU C 64 5.84 -5.68 -2.13
C GLU C 64 6.64 -4.62 -1.42
N THR C 65 7.95 -4.78 -1.39
CA THR C 65 8.83 -3.96 -0.54
C THR C 65 9.76 -3.03 -1.34
N HIS C 66 9.63 -3.02 -2.66
CA HIS C 66 10.42 -2.12 -3.51
C HIS C 66 11.94 -2.09 -3.28
N ASP C 67 12.52 -3.24 -2.95
CA ASP C 67 13.97 -3.39 -2.91
C ASP C 67 14.39 -4.14 -4.15
N GLY C 68 15.54 -3.74 -4.71
CA GLY C 68 16.11 -4.40 -5.90
C GLY C 68 16.23 -3.44 -7.06
N PHE C 69 16.22 -3.97 -8.26
CA PHE C 69 16.50 -3.22 -9.48
C PHE C 69 15.24 -2.65 -10.19
N PHE C 70 15.36 -1.40 -10.63
CA PHE C 70 14.28 -0.69 -11.35
C PHE C 70 14.81 -0.27 -12.72
N PRO C 71 14.38 -0.97 -13.81
CA PRO C 71 14.76 -0.60 -15.17
C PRO C 71 14.08 0.68 -15.67
N ALA C 72 14.67 1.26 -16.72
CA ALA C 72 14.14 2.46 -17.36
C ALA C 72 12.76 2.20 -17.96
N SER C 73 12.62 1.01 -18.53
CA SER C 73 11.39 0.39 -19.01
C SER C 73 10.31 1.29 -19.55
N VAL C 83 7.12 4.91 -23.88
CA VAL C 83 7.43 5.67 -22.67
C VAL C 83 8.62 5.08 -21.94
N LYS C 84 9.62 5.91 -21.65
CA LYS C 84 10.90 5.43 -21.14
C LYS C 84 11.63 6.51 -20.36
N ASP C 85 12.01 6.23 -19.13
CA ASP C 85 12.74 7.19 -18.32
C ASP C 85 14.22 7.16 -18.72
N ILE C 86 14.97 8.15 -18.24
CA ILE C 86 16.36 8.37 -18.65
C ILE C 86 17.35 7.84 -17.62
N LYS C 87 16.85 7.20 -16.56
CA LYS C 87 17.70 6.62 -15.51
C LYS C 87 17.13 5.25 -15.14
N GLU C 88 17.99 4.38 -14.63
CA GLU C 88 17.61 3.13 -14.00
C GLU C 88 18.27 3.16 -12.63
N TYR C 89 17.83 2.31 -11.70
CA TYR C 89 18.40 2.38 -10.36
C TYR C 89 18.19 1.12 -9.55
N TYR C 90 18.90 1.07 -8.42
CA TYR C 90 18.84 -0.04 -7.50
C TYR C 90 18.62 0.48 -6.10
N HIS C 91 17.63 -0.06 -5.41
CA HIS C 91 17.38 0.28 -4.01
C HIS C 91 18.02 -0.77 -3.13
N VAL C 92 19.04 -0.32 -2.39
CA VAL C 92 19.82 -1.16 -1.51
C VAL C 92 19.41 -0.90 -0.08
N TYR C 93 18.97 -1.95 0.61
CA TYR C 93 18.76 -1.90 2.04
C TYR C 93 19.53 -3.07 2.64
N PRO C 94 20.09 -2.89 3.87
CA PRO C 94 20.80 -3.98 4.54
C PRO C 94 19.94 -5.23 4.71
N TRP C 95 18.63 -5.05 4.79
CA TRP C 95 17.67 -6.16 4.91
C TRP C 95 17.16 -6.69 3.58
N GLY C 96 17.48 -6.02 2.49
CA GLY C 96 16.85 -6.31 1.21
C GLY C 96 17.73 -7.15 0.31
N ARG C 97 17.29 -7.29 -0.93
CA ARG C 97 18.04 -8.06 -1.90
C ARG C 97 19.19 -7.30 -2.51
N ILE C 98 20.32 -7.99 -2.63
CA ILE C 98 21.59 -7.43 -3.10
C ILE C 98 22.35 -8.52 -3.84
N PRO C 99 22.93 -8.21 -5.02
CA PRO C 99 23.67 -9.29 -5.69
C PRO C 99 24.90 -9.73 -4.88
N ASP C 100 25.15 -11.04 -4.83
CA ASP C 100 26.22 -11.58 -3.98
C ASP C 100 27.53 -10.87 -4.22
N SER C 101 27.90 -10.71 -5.49
CA SER C 101 29.21 -10.14 -5.86
C SER C 101 29.42 -8.67 -5.46
N LEU C 102 28.31 -7.97 -5.14
CA LEU C 102 28.33 -6.54 -4.79
C LEU C 102 28.05 -6.27 -3.33
N ARG C 103 27.59 -7.27 -2.59
CA ARG C 103 27.11 -7.11 -1.21
C ARG C 103 28.14 -6.49 -0.25
N ALA C 104 29.34 -7.06 -0.20
CA ALA C 104 30.33 -6.69 0.81
C ALA C 104 30.77 -5.24 0.67
N ASN C 105 31.10 -4.82 -0.55
CA ASN C 105 31.48 -3.41 -0.74
C ASN C 105 30.33 -2.45 -0.45
N ILE C 106 29.12 -2.78 -0.91
CA ILE C 106 28.02 -1.85 -0.77
C ILE C 106 27.52 -1.77 0.68
N LEU C 107 27.54 -2.87 1.41
CA LEU C 107 27.20 -2.79 2.84
C LEU C 107 28.36 -2.15 3.62
N ALA C 108 29.60 -2.35 3.19
CA ALA C 108 30.73 -1.60 3.76
C ALA C 108 30.51 -0.09 3.58
N TYR C 109 30.12 0.31 2.39
CA TYR C 109 29.87 1.74 2.16
C TYR C 109 28.69 2.22 3.01
N TYR C 110 27.62 1.42 3.05
CA TYR C 110 26.39 1.79 3.80
C TYR C 110 26.72 2.07 5.25
N GLU C 111 27.52 1.20 5.89
CA GLU C 111 27.89 1.39 7.29
CA GLU C 111 27.93 1.40 7.30
C GLU C 111 28.74 2.65 7.48
N LYS C 112 29.73 2.85 6.62
CA LYS C 112 30.62 3.99 6.76
C LYS C 112 29.88 5.31 6.57
N ALA C 113 29.00 5.37 5.57
CA ALA C 113 28.21 6.56 5.30
C ALA C 113 27.21 6.82 6.43
N ASN C 114 26.69 5.76 7.05
CA ASN C 114 25.79 5.91 8.21
C ASN C 114 26.55 6.39 9.43
N THR C 115 27.77 5.89 9.62
CA THR C 115 28.57 6.30 10.75
C THR C 115 28.90 7.75 10.64
N LEU C 116 29.28 8.18 9.45
CA LEU C 116 29.55 9.60 9.20
C LEU C 116 28.29 10.45 9.36
N ALA C 117 27.17 9.98 8.82
CA ALA C 117 25.90 10.70 8.97
C ALA C 117 25.57 10.89 10.45
N SER C 118 25.82 9.86 11.26
CA SER C 118 25.58 9.92 12.71
CA SER C 118 25.56 9.93 12.71
C SER C 118 26.42 11.02 13.36
N GLU C 119 27.70 11.09 12.99
CA GLU C 119 28.57 12.16 13.48
C GLU C 119 28.01 13.51 13.06
N LEU C 120 27.66 13.64 11.79
CA LEU C 120 27.20 14.92 11.29
C LEU C 120 25.93 15.38 12.01
N LEU C 121 25.04 14.46 12.33
CA LEU C 121 23.87 14.75 13.15
C LEU C 121 24.23 15.22 14.57
N GLU C 122 25.27 14.66 15.18
CA GLU C 122 25.76 15.17 16.47
C GLU C 122 26.17 16.61 16.31
N TRP C 123 26.93 16.90 15.26
CA TRP C 123 27.39 18.27 15.03
C TRP C 123 26.21 19.22 14.93
N ILE C 124 25.25 18.85 14.10
CA ILE C 124 24.04 19.63 13.90
C ILE C 124 23.36 19.94 15.25
N GLU C 125 23.28 18.94 16.12
CA GLU C 125 22.59 19.12 17.40
C GLU C 125 23.44 20.01 18.30
N THR C 126 24.74 19.74 18.36
CA THR C 126 25.67 20.51 19.19
C THR C 126 25.60 22.00 18.88
N TYR C 127 25.45 22.36 17.60
CA TYR C 127 25.50 23.76 17.20
C TYR C 127 24.12 24.37 17.01
N SER C 128 23.07 23.63 17.35
CA SER C 128 21.72 24.20 17.39
C SER C 128 21.61 25.05 18.65
N PRO C 129 20.97 26.21 18.56
CA PRO C 129 20.70 26.97 19.79
C PRO C 129 19.83 26.16 20.77
N ASP C 130 19.93 26.45 22.08
CA ASP C 130 19.23 25.67 23.12
C ASP C 130 17.73 25.50 22.78
N GLU C 131 17.14 26.59 22.34
CA GLU C 131 15.72 26.67 22.02
C GLU C 131 15.34 25.72 20.85
N ILE C 132 16.29 25.45 19.96
CA ILE C 132 16.09 24.47 18.90
C ILE C 132 16.39 23.06 19.42
N LYS C 133 17.47 22.88 20.18
CA LYS C 133 17.74 21.58 20.82
C LYS C 133 16.51 21.04 21.59
N ALA C 134 15.77 21.93 22.24
CA ALA C 134 14.64 21.55 23.09
C ALA C 134 13.49 20.90 22.29
N LYS C 135 13.42 21.21 21.00
CA LYS C 135 12.40 20.67 20.11
C LYS C 135 12.70 19.26 19.59
N PHE C 136 13.92 18.78 19.81
CA PHE C 136 14.27 17.43 19.41
C PHE C 136 13.80 16.39 20.45
N SER C 137 12.87 15.52 20.07
CA SER C 137 12.31 14.57 21.02
C SER C 137 13.36 13.60 21.58
N ILE C 138 14.29 13.18 20.73
CA ILE C 138 15.44 12.35 21.11
C ILE C 138 16.73 12.91 20.42
N PRO C 139 17.93 12.47 20.83
CA PRO C 139 19.11 13.00 20.13
C PRO C 139 19.06 12.66 18.65
N LEU C 140 19.44 13.62 17.80
CA LEU C 140 19.37 13.41 16.35
C LEU C 140 19.97 12.07 15.85
N PRO C 141 21.13 11.66 16.37
CA PRO C 141 21.68 10.39 15.89
C PRO C 141 20.83 9.17 16.20
N GLU C 142 20.06 9.23 17.29
CA GLU C 142 19.22 8.09 17.65
C GLU C 142 18.05 7.92 16.68
N MSE C 143 17.69 9.00 15.98
CA MSE C 143 16.58 8.97 15.05
C MSE C 143 16.87 8.03 13.89
O MSE C 143 15.91 7.48 13.32
CB MSE C 143 16.25 10.37 14.54
CG MSE C 143 15.71 11.30 15.59
SE MSE C 143 15.23 12.98 14.81
CE MSE C 143 14.41 13.83 16.38
N ILE C 144 18.15 7.83 13.57
CA ILE C 144 18.57 7.02 12.40
C ILE C 144 19.33 5.70 12.68
N ALA C 145 19.73 5.48 13.93
CA ALA C 145 20.44 4.27 14.34
C ALA C 145 19.58 3.04 14.04
N ASN C 146 20.07 2.16 13.17
CA ASN C 146 19.37 0.92 12.77
C ASN C 146 18.01 1.18 12.15
N SER C 147 17.93 2.23 11.34
CA SER C 147 16.67 2.66 10.76
C SER C 147 16.33 1.73 9.61
N HIS C 148 15.15 1.16 9.69
CA HIS C 148 14.62 0.26 8.65
C HIS C 148 14.42 0.97 7.30
N LYS C 149 14.03 2.25 7.34
CA LYS C 149 13.68 3.02 6.14
C LYS C 149 14.87 3.69 5.41
N THR C 150 16.03 3.81 6.07
CA THR C 150 17.20 4.43 5.42
C THR C 150 17.52 3.70 4.11
N LEU C 151 17.68 4.45 3.03
CA LEU C 151 17.76 3.88 1.69
C LEU C 151 19.03 4.31 1.01
N LEU C 152 19.73 3.35 0.40
CA LEU C 152 20.86 3.68 -0.46
C LEU C 152 20.39 3.45 -1.88
N ARG C 153 20.30 4.52 -2.64
CA ARG C 153 19.79 4.50 -3.98
C ARG C 153 21.00 4.55 -4.91
N ILE C 154 21.17 3.55 -5.77
CA ILE C 154 22.25 3.60 -6.75
C ILE C 154 21.62 3.96 -8.08
N LEU C 155 21.93 5.17 -8.55
CA LEU C 155 21.34 5.72 -9.75
CA LEU C 155 21.34 5.73 -9.76
C LEU C 155 22.28 5.59 -10.94
N HIS C 156 21.75 5.12 -12.06
CA HIS C 156 22.51 5.04 -13.29
C HIS C 156 21.78 5.72 -14.43
N TYR C 157 22.34 6.83 -14.90
CA TYR C 157 21.90 7.45 -16.16
C TYR C 157 22.74 6.88 -17.33
N PRO C 158 22.12 6.01 -18.15
CA PRO C 158 22.88 5.45 -19.26
C PRO C 158 23.26 6.48 -20.32
N PRO C 159 24.24 6.14 -21.18
CA PRO C 159 24.59 7.05 -22.26
C PRO C 159 23.45 7.24 -23.24
N MSE C 160 23.41 8.39 -23.90
CA MSE C 160 22.45 8.65 -24.97
C MSE C 160 22.78 7.75 -26.13
O MSE C 160 23.94 7.65 -26.55
CB MSE C 160 22.51 10.10 -25.42
CG MSE C 160 22.10 11.13 -24.36
SE MSE C 160 20.21 11.26 -24.10
CE MSE C 160 20.01 10.20 -22.51
N THR C 161 21.76 7.08 -26.66
CA THR C 161 21.92 6.08 -27.70
C THR C 161 21.34 6.59 -29.03
N GLY C 162 22.21 6.77 -30.02
CA GLY C 162 21.81 7.13 -31.39
C GLY C 162 21.29 8.56 -31.58
N ASP C 163 19.98 8.68 -31.83
CA ASP C 163 19.33 9.96 -32.11
C ASP C 163 18.54 10.53 -30.91
N GLU C 164 18.95 10.13 -29.69
CA GLU C 164 18.36 10.67 -28.47
C GLU C 164 19.07 11.98 -28.14
N GLU C 165 18.30 12.97 -27.72
CA GLU C 165 18.84 14.27 -27.33
C GLU C 165 18.97 14.32 -25.80
N MSE C 166 19.97 15.05 -25.31
CA MSE C 166 20.16 15.27 -23.86
C MSE C 166 19.55 16.63 -23.46
O MSE C 166 20.02 17.68 -23.92
CB MSE C 166 21.65 15.19 -23.51
CG MSE C 166 21.99 15.35 -22.04
SE MSE C 166 23.90 15.27 -21.62
CE MSE C 166 24.03 13.45 -20.98
N GLY C 167 18.53 16.61 -22.63
CA GLY C 167 17.90 17.87 -22.15
C GLY C 167 18.78 18.74 -21.25
N ALA C 168 18.32 19.94 -20.94
CA ALA C 168 19.09 20.86 -20.10
C ALA C 168 19.11 20.40 -18.63
N ILE C 169 18.05 19.72 -18.20
CA ILE C 169 17.90 19.32 -16.80
C ILE C 169 17.87 17.81 -16.70
N ARG C 170 18.85 17.26 -16.00
CA ARG C 170 18.94 15.83 -15.75
C ARG C 170 17.96 15.40 -14.65
N ALA C 171 17.99 16.09 -13.50
CA ALA C 171 17.05 15.79 -12.40
C ALA C 171 16.33 17.07 -12.01
N ALA C 172 15.00 17.05 -12.13
CA ALA C 172 14.16 18.23 -11.85
C ALA C 172 14.26 18.74 -10.41
N ALA C 173 14.05 20.06 -10.25
CA ALA C 173 14.01 20.71 -8.93
C ALA C 173 13.17 19.89 -7.96
N HIS C 174 13.69 19.64 -6.74
CA HIS C 174 12.96 18.87 -5.73
C HIS C 174 13.55 19.06 -4.33
N GLU C 175 12.76 18.72 -3.32
CA GLU C 175 13.21 18.65 -1.93
C GLU C 175 13.14 17.22 -1.45
N ASP C 176 14.06 16.84 -0.57
CA ASP C 176 14.05 15.53 0.04
C ASP C 176 13.08 15.58 1.23
N ILE C 177 12.38 14.48 1.49
CA ILE C 177 11.42 14.43 2.57
C ILE C 177 12.06 14.02 3.90
N ASN C 178 13.25 13.44 3.83
CA ASN C 178 13.77 12.66 4.96
C ASN C 178 14.53 13.53 5.94
N LEU C 179 15.44 12.99 6.73
CA LEU C 179 16.13 13.78 7.75
C LEU C 179 17.34 14.53 7.19
N ILE C 180 18.35 13.80 6.74
CA ILE C 180 19.46 14.33 5.97
C ILE C 180 19.83 13.31 4.89
N THR C 181 20.51 13.81 3.85
CA THR C 181 20.91 13.00 2.71
C THR C 181 22.39 13.23 2.46
N VAL C 182 23.10 12.16 2.08
CA VAL C 182 24.55 12.15 1.96
C VAL C 182 24.93 11.58 0.58
N LEU C 183 25.80 12.29 -0.14
CA LEU C 183 26.11 12.01 -1.53
C LEU C 183 27.57 12.37 -1.84
N PRO C 184 28.39 11.37 -2.22
CA PRO C 184 29.72 11.65 -2.75
C PRO C 184 29.65 12.21 -4.15
N THR C 185 30.58 13.09 -4.51
CA THR C 185 30.67 13.55 -5.87
C THR C 185 31.88 12.93 -6.59
N ALA C 186 31.78 12.90 -7.92
CA ALA C 186 32.81 12.33 -8.78
C ALA C 186 33.17 13.26 -9.94
N ASN C 187 33.21 14.57 -9.65
CA ASN C 187 33.68 15.61 -10.57
C ASN C 187 32.85 15.79 -11.81
N GLU C 188 31.54 15.54 -11.70
CA GLU C 188 30.57 15.87 -12.75
C GLU C 188 29.69 17.06 -12.32
N PRO C 189 30.03 18.29 -12.75
CA PRO C 189 29.24 19.45 -12.32
C PRO C 189 27.81 19.42 -12.84
N GLY C 190 26.90 20.12 -12.17
CA GLY C 190 25.48 20.06 -12.50
C GLY C 190 24.54 20.19 -11.29
N LEU C 191 24.97 19.70 -10.13
CA LEU C 191 24.12 19.78 -8.96
C LEU C 191 24.04 21.24 -8.52
N GLN C 192 22.81 21.71 -8.29
CA GLN C 192 22.57 23.11 -7.93
C GLN C 192 21.55 23.22 -6.80
N VAL C 193 21.69 24.26 -5.99
CA VAL C 193 20.79 24.52 -4.88
CA VAL C 193 20.77 24.50 -4.89
C VAL C 193 20.14 25.89 -5.05
N LYS C 194 18.84 25.96 -4.83
CA LYS C 194 18.10 27.24 -4.95
C LYS C 194 18.49 28.17 -3.82
N ALA C 195 19.02 29.34 -4.19
CA ALA C 195 19.37 30.42 -3.25
C ALA C 195 18.12 31.23 -2.84
N LYS C 196 18.24 31.97 -1.74
CA LYS C 196 17.14 32.79 -1.20
C LYS C 196 16.65 33.86 -2.18
N ASP C 197 17.54 34.32 -3.04
CA ASP C 197 17.21 35.32 -4.04
C ASP C 197 16.63 34.73 -5.33
N GLY C 198 16.39 33.42 -5.37
CA GLY C 198 15.86 32.77 -6.58
C GLY C 198 16.86 32.29 -7.63
N SER C 199 18.13 32.66 -7.48
CA SER C 199 19.21 32.14 -8.33
C SER C 199 19.59 30.74 -7.86
N TRP C 200 20.27 29.99 -8.74
CA TRP C 200 20.79 28.66 -8.45
C TRP C 200 22.31 28.68 -8.15
N LEU C 201 22.72 28.13 -7.00
CA LEU C 201 24.11 28.07 -6.63
C LEU C 201 24.67 26.70 -7.01
N ASP C 202 25.77 26.70 -7.76
CA ASP C 202 26.46 25.46 -8.12
C ASP C 202 27.07 24.81 -6.87
N VAL C 203 26.89 23.49 -6.74
CA VAL C 203 27.50 22.73 -5.65
C VAL C 203 28.86 22.23 -6.10
N PRO C 204 29.92 22.59 -5.37
CA PRO C 204 31.25 22.12 -5.79
C PRO C 204 31.31 20.60 -5.74
N SER C 205 31.57 19.95 -6.87
CA SER C 205 31.45 18.49 -6.97
C SER C 205 32.76 17.75 -7.28
N ASP C 206 33.87 18.26 -6.74
CA ASP C 206 35.20 17.65 -6.92
C ASP C 206 35.25 16.20 -6.43
N PHE C 207 36.15 15.41 -7.01
CA PHE C 207 36.45 14.09 -6.46
C PHE C 207 36.82 14.29 -5.00
N GLY C 208 36.28 13.45 -4.12
CA GLY C 208 36.59 13.52 -2.69
C GLY C 208 35.66 14.41 -1.88
N ASN C 209 34.70 15.08 -2.53
CA ASN C 209 33.69 15.86 -1.80
C ASN C 209 32.55 14.95 -1.44
N ILE C 210 31.92 15.25 -0.31
CA ILE C 210 30.65 14.63 0.05
C ILE C 210 29.62 15.72 0.36
N ILE C 211 28.42 15.61 -0.23
CA ILE C 211 27.41 16.63 -0.11
C ILE C 211 26.33 16.19 0.87
N ILE C 212 26.02 17.03 1.84
CA ILE C 212 24.99 16.74 2.82
C ILE C 212 23.91 17.81 2.79
N ASN C 213 22.64 17.40 2.86
CA ASN C 213 21.56 18.34 2.85
C ASN C 213 20.42 17.94 3.79
N ILE C 214 19.83 18.97 4.39
CA ILE C 214 18.68 18.87 5.27
C ILE C 214 17.49 18.42 4.44
N GLY C 215 16.67 17.56 5.00
CA GLY C 215 15.37 17.21 4.38
C GLY C 215 14.19 17.68 5.24
N ASP C 216 12.99 17.55 4.67
CA ASP C 216 11.78 18.06 5.27
C ASP C 216 11.58 17.63 6.71
N MSE C 217 11.79 16.36 7.02
CA MSE C 217 11.57 15.91 8.40
C MSE C 217 12.51 16.59 9.40
O MSE C 217 12.11 16.79 10.55
CB MSE C 217 11.66 14.39 8.52
CG MSE C 217 10.41 13.68 8.06
SE MSE C 217 10.65 11.83 7.89
CE MSE C 217 9.15 11.44 6.71
N LEU C 218 13.73 16.95 9.00
CA LEU C 218 14.61 17.71 9.92
C LEU C 218 14.27 19.21 9.96
N GLN C 219 13.66 19.70 8.89
CA GLN C 219 13.11 21.03 8.89
C GLN C 219 11.97 21.11 9.91
N GLU C 220 11.05 20.15 9.83
CA GLU C 220 9.93 20.06 10.79
C GLU C 220 10.42 19.93 12.22
N ALA C 221 11.33 18.98 12.45
CA ALA C 221 11.88 18.71 13.79
C ALA C 221 12.55 19.91 14.40
N SER C 222 13.11 20.79 13.56
CA SER C 222 13.82 21.99 14.02
C SER C 222 12.98 23.25 13.85
N ASP C 223 11.69 23.08 13.56
CA ASP C 223 10.77 24.23 13.47
C ASP C 223 11.22 25.28 12.45
N GLY C 224 11.74 24.81 11.31
CA GLY C 224 12.13 25.70 10.23
C GLY C 224 13.55 26.23 10.33
N TYR C 225 14.22 26.01 11.46
CA TYR C 225 15.55 26.55 11.70
C TYR C 225 16.60 26.06 10.69
N PHE C 226 16.59 24.76 10.37
CA PHE C 226 17.37 24.24 9.27
C PHE C 226 16.43 24.01 8.10
N PRO C 227 16.66 24.68 6.96
CA PRO C 227 15.77 24.57 5.83
C PRO C 227 16.04 23.36 4.88
N SER C 228 14.97 22.71 4.44
CA SER C 228 15.03 21.71 3.38
C SER C 228 14.93 22.50 2.08
N THR C 229 16.02 22.55 1.34
CA THR C 229 16.18 23.47 0.22
C THR C 229 15.97 22.77 -1.13
N SER C 230 15.37 23.50 -2.08
CA SER C 230 15.15 22.92 -3.41
C SER C 230 16.47 22.75 -4.11
N HIS C 231 16.66 21.60 -4.77
CA HIS C 231 17.88 21.31 -5.52
C HIS C 231 17.59 20.54 -6.81
N ARG C 232 18.50 20.62 -7.78
CA ARG C 232 18.34 19.97 -9.08
C ARG C 232 19.70 19.65 -9.67
N VAL C 233 19.73 18.86 -10.73
CA VAL C 233 20.99 18.60 -11.44
C VAL C 233 20.80 18.99 -12.90
N ILE C 234 21.59 19.95 -13.36
CA ILE C 234 21.53 20.33 -14.78
C ILE C 234 22.62 19.57 -15.55
N ASN C 235 22.54 19.65 -16.88
CA ASN C 235 23.58 19.19 -17.78
C ASN C 235 24.26 20.43 -18.37
N PRO C 236 25.35 20.86 -17.74
CA PRO C 236 25.96 22.08 -18.25
C PRO C 236 26.52 21.91 -19.68
N GLU C 237 26.94 23.03 -20.27
CA GLU C 237 27.48 23.02 -21.63
CA GLU C 237 27.56 23.09 -21.60
C GLU C 237 28.66 22.06 -21.72
N GLY C 238 28.60 21.21 -22.76
CA GLY C 238 29.64 20.21 -22.97
C GLY C 238 29.66 19.21 -21.83
N THR C 239 28.49 18.62 -21.56
CA THR C 239 28.44 17.42 -20.75
C THR C 239 28.44 16.34 -21.80
N ASP C 240 29.33 15.38 -21.64
CA ASP C 240 29.50 14.33 -22.65
C ASP C 240 28.33 13.33 -22.57
N LYS C 241 27.45 13.41 -23.58
CA LYS C 241 26.25 12.59 -23.66
C LYS C 241 26.48 11.08 -23.77
N THR C 242 27.66 10.66 -24.20
CA THR C 242 27.95 9.25 -24.38
C THR C 242 28.53 8.56 -23.14
N LYS C 243 28.66 9.27 -22.02
CA LYS C 243 29.18 8.65 -20.80
C LYS C 243 28.04 8.31 -19.85
N SER C 244 28.21 7.21 -19.10
CA SER C 244 27.27 6.84 -18.04
C SER C 244 27.49 7.73 -16.84
N ARG C 245 26.46 7.91 -16.01
CA ARG C 245 26.67 8.49 -14.66
C ARG C 245 26.04 7.65 -13.58
N ILE C 246 26.83 7.43 -12.53
CA ILE C 246 26.45 6.67 -11.37
C ILE C 246 26.50 7.62 -10.20
N SER C 247 25.51 7.55 -9.33
CA SER C 247 25.58 8.26 -8.04
C SER C 247 25.02 7.39 -6.94
N LEU C 248 25.48 7.67 -5.73
CA LEU C 248 25.19 6.87 -4.56
C LEU C 248 24.50 7.67 -3.43
N PRO C 249 23.34 8.28 -3.71
CA PRO C 249 22.71 9.03 -2.61
C PRO C 249 22.20 8.11 -1.52
N LEU C 250 22.57 8.43 -0.26
CA LEU C 250 22.04 7.78 0.93
C LEU C 250 21.00 8.68 1.64
N PHE C 251 19.77 8.22 1.67
CA PHE C 251 18.68 8.94 2.29
C PHE C 251 18.44 8.35 3.69
N LEU C 252 18.88 9.10 4.71
CA LEU C 252 18.72 8.74 6.11
C LEU C 252 17.32 9.10 6.57
N HIS C 253 16.58 8.10 7.02
CA HIS C 253 15.18 8.24 7.37
C HIS C 253 15.07 7.93 8.85
N PRO C 254 14.33 8.76 9.59
CA PRO C 254 14.09 8.47 10.97
C PRO C 254 13.17 7.27 11.14
N HIS C 255 13.23 6.62 12.29
CA HIS C 255 12.24 5.59 12.59
C HIS C 255 10.84 6.19 12.46
N PRO C 256 9.87 5.41 11.95
CA PRO C 256 8.53 5.97 11.76
C PRO C 256 7.93 6.54 13.05
N SER C 257 8.30 5.98 14.21
CA SER C 257 7.68 6.39 15.46
C SER C 257 8.36 7.60 16.09
N VAL C 258 9.48 8.07 15.53
CA VAL C 258 10.11 9.31 16.01
C VAL C 258 9.13 10.47 15.99
N VAL C 259 9.04 11.17 17.11
CA VAL C 259 8.27 12.38 17.22
C VAL C 259 9.11 13.52 16.67
N LEU C 260 8.58 14.13 15.61
CA LEU C 260 9.24 15.27 15.00
C LEU C 260 8.83 16.58 15.64
N SER C 261 7.56 16.67 16.06
CA SER C 261 7.02 17.92 16.58
C SER C 261 5.72 17.68 17.32
N GLU C 262 5.11 18.74 17.77
CA GLU C 262 3.77 18.65 18.36
C GLU C 262 2.72 18.14 17.39
N ARG C 263 2.96 18.29 16.08
CA ARG C 263 1.97 17.95 15.03
C ARG C 263 2.18 16.59 14.38
N TYR C 264 3.42 16.13 14.30
CA TYR C 264 3.72 14.91 13.53
C TYR C 264 4.74 13.95 14.16
N THR C 265 4.49 12.66 13.97
CA THR C 265 5.57 11.69 13.91
C THR C 265 6.03 11.54 12.44
N ALA C 266 7.22 10.95 12.25
CA ALA C 266 7.75 10.62 10.92
C ALA C 266 6.70 9.83 10.12
N ASP C 267 6.06 8.87 10.75
CA ASP C 267 5.05 8.04 10.08
C ASP C 267 3.83 8.88 9.65
N SER C 268 3.37 9.77 10.53
CA SER C 268 2.19 10.60 10.23
C SER C 268 2.54 11.72 9.28
N TYR C 269 3.75 12.26 9.37
CA TYR C 269 4.24 13.18 8.33
C TYR C 269 4.12 12.53 6.92
N LEU C 270 4.67 11.33 6.76
CA LEU C 270 4.62 10.62 5.48
C LEU C 270 3.18 10.37 5.04
N MSE C 271 2.35 9.91 5.98
CA MSE C 271 0.94 9.64 5.67
C MSE C 271 0.30 10.93 5.19
O MSE C 271 -0.41 10.92 4.21
CB MSE C 271 0.15 9.06 6.85
CG MSE C 271 0.42 7.59 7.21
SE MSE C 271 0.42 6.24 5.80
CE MSE C 271 2.28 6.23 5.42
N GLU C 272 0.54 12.03 5.88
CA GLU C 272 -0.03 13.29 5.45
C GLU C 272 0.45 13.65 4.01
N ARG C 273 1.73 13.44 3.71
CA ARG C 273 2.21 13.67 2.36
C ARG C 273 1.47 12.79 1.34
N LEU C 274 1.27 11.52 1.63
CA LEU C 274 0.53 10.66 0.68
C LEU C 274 -0.91 11.13 0.47
N ARG C 275 -1.53 11.61 1.54
CA ARG C 275 -2.89 12.17 1.40
C ARG C 275 -2.89 13.42 0.52
N GLU C 276 -1.88 14.27 0.66
CA GLU C 276 -1.74 15.50 -0.12
C GLU C 276 -1.52 15.19 -1.58
N LEU C 277 -0.76 14.13 -1.84
CA LEU C 277 -0.49 13.71 -3.20
C LEU C 277 -1.66 12.99 -3.83
N GLY C 278 -2.73 12.72 -3.08
CA GLY C 278 -3.87 11.96 -3.63
C GLY C 278 -3.64 10.47 -3.81
N VAL C 279 -2.65 9.91 -3.12
CA VAL C 279 -2.42 8.45 -3.18
C VAL C 279 -3.53 7.65 -2.48
N LEU C 280 -4.18 6.73 -3.20
CA LEU C 280 -5.23 5.91 -2.63
C LEU C 280 -4.72 4.93 -1.57
N MSE D 2 -6.58 -40.85 10.50
CA MSE D 2 -5.72 -39.71 10.93
C MSE D 2 -5.72 -39.55 12.46
O MSE D 2 -6.77 -39.35 13.09
CB MSE D 2 -6.17 -38.40 10.26
CG MSE D 2 -5.44 -38.00 8.94
SE MSE D 2 -5.31 -36.02 8.67
CE MSE D 2 -5.10 -35.92 6.74
N LYS D 3 -4.53 -39.66 13.06
CA LYS D 3 -4.29 -39.27 14.46
C LYS D 3 -3.17 -38.23 14.43
N LEU D 4 -3.09 -37.38 15.46
CA LEU D 4 -1.94 -36.46 15.59
C LEU D 4 -1.08 -36.91 16.75
N GLU D 5 0.09 -37.43 16.42
CA GLU D 5 0.97 -38.03 17.41
CA GLU D 5 0.96 -38.02 17.42
C GLU D 5 2.00 -37.00 17.86
N THR D 6 2.34 -37.04 19.13
CA THR D 6 3.33 -36.18 19.73
C THR D 6 4.66 -36.89 19.54
N ILE D 7 5.59 -36.26 18.83
CA ILE D 7 6.88 -36.90 18.58
C ILE D 7 7.91 -36.31 19.53
N ASP D 8 8.65 -37.17 20.22
CA ASP D 8 9.77 -36.74 21.04
C ASP D 8 10.94 -36.29 20.13
N TYR D 9 11.19 -34.98 20.10
CA TYR D 9 12.34 -34.39 19.40
C TYR D 9 13.67 -35.14 19.58
N ARG D 10 13.92 -35.64 20.79
CA ARG D 10 15.20 -36.26 21.17
C ARG D 10 15.41 -37.64 20.55
N ALA D 11 14.33 -38.28 20.11
CA ALA D 11 14.41 -39.65 19.62
C ALA D 11 15.18 -39.72 18.30
N ALA D 12 15.99 -40.76 18.19
CA ALA D 12 16.87 -40.96 17.05
C ALA D 12 16.16 -40.94 15.70
N ASP D 13 14.89 -41.31 15.69
CA ASP D 13 14.12 -41.35 14.44
C ASP D 13 13.07 -40.22 14.36
N SER D 14 13.23 -39.19 15.19
CA SER D 14 12.21 -38.12 15.25
C SER D 14 12.06 -37.37 13.90
N ALA D 15 13.17 -37.12 13.22
CA ALA D 15 13.10 -36.37 11.96
C ALA D 15 12.18 -37.06 10.92
N LYS D 16 12.42 -38.35 10.67
CA LYS D 16 11.66 -39.11 9.67
C LYS D 16 10.17 -39.13 10.00
N ARG D 17 9.84 -39.37 11.27
CA ARG D 17 8.43 -39.43 11.69
C ARG D 17 7.75 -38.07 11.60
N PHE D 18 8.49 -37.03 11.98
CA PHE D 18 7.98 -35.67 11.93
C PHE D 18 7.61 -35.28 10.49
N VAL D 19 8.53 -35.51 9.56
CA VAL D 19 8.33 -35.12 8.17
C VAL D 19 7.19 -35.94 7.56
N GLU D 20 7.04 -37.19 8.01
CA GLU D 20 5.93 -38.02 7.58
C GLU D 20 4.59 -37.53 8.16
N SER D 21 4.61 -36.95 9.35
CA SER D 21 3.38 -36.40 9.94
C SER D 21 2.93 -35.20 9.15
N LEU D 22 3.88 -34.31 8.84
CA LEU D 22 3.64 -33.18 7.99
C LEU D 22 3.11 -33.59 6.62
N ARG D 23 3.69 -34.63 6.03
CA ARG D 23 3.26 -35.05 4.70
C ARG D 23 1.80 -35.53 4.73
N GLU D 24 1.41 -36.28 5.76
CA GLU D 24 0.07 -36.84 5.85
C GLU D 24 -0.98 -35.82 6.25
N THR D 25 -0.66 -34.97 7.23
CA THR D 25 -1.66 -34.09 7.87
C THR D 25 -1.40 -32.58 7.73
N GLY D 26 -0.21 -32.21 7.28
CA GLY D 26 0.19 -30.81 7.21
C GLY D 26 0.75 -30.26 8.52
N PHE D 27 0.71 -31.08 9.56
CA PHE D 27 1.11 -30.70 10.90
C PHE D 27 2.08 -31.70 11.56
N GLY D 28 2.90 -31.18 12.46
CA GLY D 28 3.89 -31.97 13.18
C GLY D 28 3.93 -31.44 14.61
N VAL D 29 3.93 -32.34 15.59
CA VAL D 29 3.97 -31.94 16.99
C VAL D 29 5.19 -32.56 17.67
N LEU D 30 5.99 -31.70 18.31
CA LEU D 30 7.25 -32.09 18.96
C LEU D 30 7.23 -31.77 20.44
N SER D 31 7.69 -32.72 21.23
CA SER D 31 7.88 -32.54 22.64
C SER D 31 9.39 -32.58 22.89
N ASN D 32 9.82 -32.19 24.09
CA ASN D 32 11.22 -32.22 24.46
C ASN D 32 12.12 -31.51 23.46
N HIS D 33 11.64 -30.37 22.99
CA HIS D 33 12.34 -29.57 22.02
C HIS D 33 13.35 -28.68 22.75
N PRO D 34 14.32 -28.10 22.01
CA PRO D 34 15.39 -27.37 22.68
C PRO D 34 15.07 -25.97 23.24
N ILE D 35 13.90 -25.40 22.93
CA ILE D 35 13.62 -24.02 23.38
C ILE D 35 13.25 -23.97 24.88
N ASP D 36 13.97 -23.12 25.60
CA ASP D 36 13.82 -22.96 27.04
C ASP D 36 12.37 -22.64 27.40
N LYS D 37 11.71 -23.58 28.11
CA LYS D 37 10.30 -23.46 28.49
CA LYS D 37 10.30 -23.43 28.47
C LYS D 37 10.07 -22.25 29.41
N GLU D 38 11.05 -21.97 30.27
CA GLU D 38 10.98 -20.87 31.23
C GLU D 38 11.09 -19.51 30.56
N LEU D 39 11.86 -19.43 29.47
CA LEU D 39 11.91 -18.22 28.65
C LEU D 39 10.53 -17.88 28.13
N VAL D 40 9.83 -18.91 27.68
CA VAL D 40 8.53 -18.74 27.07
C VAL D 40 7.53 -18.24 28.12
N GLU D 41 7.55 -18.87 29.29
CA GLU D 41 6.65 -18.45 30.35
CA GLU D 41 6.75 -18.49 30.46
C GLU D 41 7.01 -17.05 30.86
N ARG D 42 8.29 -16.68 30.86
CA ARG D 42 8.64 -15.30 31.22
C ARG D 42 8.07 -14.34 30.17
N ILE D 43 8.13 -14.75 28.90
CA ILE D 43 7.54 -13.96 27.79
C ILE D 43 6.01 -13.77 27.99
N TYR D 44 5.28 -14.84 28.28
CA TYR D 44 3.83 -14.73 28.56
C TYR D 44 3.52 -13.75 29.68
N THR D 45 4.24 -13.88 30.79
CA THR D 45 4.04 -13.01 31.95
C THR D 45 4.27 -11.53 31.61
N GLU D 46 5.35 -11.24 30.90
CA GLU D 46 5.69 -9.83 30.69
C GLU D 46 4.86 -9.20 29.57
N TRP D 47 4.48 -9.97 28.56
CA TRP D 47 3.55 -9.42 27.54
C TRP D 47 2.12 -9.35 28.05
N GLN D 48 1.76 -10.22 28.99
CA GLN D 48 0.44 -10.12 29.62
C GLN D 48 0.35 -8.77 30.32
N ALA D 49 1.43 -8.40 31.00
CA ALA D 49 1.49 -7.15 31.74
C ALA D 49 1.40 -5.97 30.77
N PHE D 50 2.04 -6.11 29.61
CA PHE D 50 2.04 -5.08 28.55
C PHE D 50 0.64 -4.83 28.04
N PHE D 51 -0.08 -5.92 27.73
CA PHE D 51 -1.44 -5.79 27.24
C PHE D 51 -2.39 -5.24 28.33
N ASN D 52 -2.08 -5.51 29.60
CA ASN D 52 -2.89 -4.98 30.70
C ASN D 52 -2.60 -3.51 31.09
N SER D 53 -1.71 -2.83 30.36
CA SER D 53 -1.40 -1.41 30.64
C SER D 53 -1.95 -0.56 29.50
N GLU D 54 -2.39 0.67 29.80
CA GLU D 54 -2.78 1.63 28.77
CA GLU D 54 -2.79 1.56 28.72
C GLU D 54 -1.56 2.12 27.98
N ALA D 55 -0.36 1.92 28.56
CA ALA D 55 0.91 2.28 27.90
C ALA D 55 1.16 1.53 26.59
N LYS D 56 0.47 0.39 26.41
CA LYS D 56 0.51 -0.29 25.12
C LYS D 56 0.19 0.66 23.98
N ASN D 57 -0.65 1.68 24.21
CA ASN D 57 -1.07 2.61 23.15
C ASN D 57 0.03 3.54 22.65
N GLU D 58 1.13 3.61 23.36
CA GLU D 58 2.29 4.34 22.87
C GLU D 58 2.90 3.65 21.66
N PHE D 59 2.56 2.37 21.47
CA PHE D 59 3.17 1.49 20.45
C PHE D 59 2.28 1.14 19.27
N MSE D 60 1.24 1.98 19.07
CA MSE D 60 0.31 1.84 17.97
C MSE D 60 1.09 1.62 16.69
O MSE D 60 1.99 2.39 16.39
CB MSE D 60 -0.53 3.13 17.82
CG MSE D 60 -1.60 3.35 18.87
SE MSE D 60 -3.00 1.99 18.78
CE MSE D 60 -3.14 1.91 16.85
N PHE D 61 0.69 0.58 15.95
CA PHE D 61 1.41 0.12 14.78
C PHE D 61 1.73 1.25 13.79
N ASN D 62 2.87 1.14 13.14
CA ASN D 62 3.21 2.09 12.09
C ASN D 62 2.31 1.84 10.88
N ARG D 63 1.71 2.90 10.36
CA ARG D 63 0.78 2.78 9.25
C ARG D 63 1.48 2.27 8.00
N GLU D 64 2.72 2.70 7.78
CA GLU D 64 3.45 2.26 6.57
C GLU D 64 3.76 0.79 6.58
N THR D 65 4.40 0.30 7.63
CA THR D 65 4.98 -1.05 7.66
C THR D 65 4.34 -2.05 8.64
N HIS D 66 3.30 -1.62 9.36
CA HIS D 66 2.48 -2.50 10.21
C HIS D 66 3.25 -3.31 11.27
N ASP D 67 4.32 -2.72 11.76
CA ASP D 67 5.02 -3.27 12.92
C ASP D 67 4.48 -2.54 14.14
N GLY D 68 4.28 -3.25 15.24
CA GLY D 68 3.81 -2.64 16.47
C GLY D 68 2.46 -3.14 16.97
N PHE D 69 1.75 -2.30 17.74
CA PHE D 69 0.57 -2.73 18.47
C PHE D 69 -0.71 -2.49 17.70
N PHE D 70 -1.53 -3.55 17.60
CA PHE D 70 -2.86 -3.51 17.00
C PHE D 70 -3.94 -3.70 18.07
N PRO D 71 -4.70 -2.65 18.42
CA PRO D 71 -5.80 -2.79 19.39
C PRO D 71 -7.05 -3.47 18.85
N ALA D 72 -7.91 -3.93 19.77
CA ALA D 72 -9.17 -4.59 19.42
C ALA D 72 -10.10 -3.66 18.61
N SER D 73 -10.06 -2.37 18.93
CA SER D 73 -10.92 -1.38 18.27
C SER D 73 -10.16 -0.09 17.90
N ILE D 74 -10.62 0.61 16.86
CA ILE D 74 -10.01 1.90 16.47
C ILE D 74 -10.68 3.09 17.21
N HIS D 81 -22.21 2.20 13.94
CA HIS D 81 -21.63 3.04 14.98
C HIS D 81 -20.16 2.65 15.25
N THR D 82 -19.97 1.47 15.84
CA THR D 82 -18.66 0.99 16.29
C THR D 82 -18.53 -0.56 16.41
N VAL D 83 -17.31 -1.05 16.25
CA VAL D 83 -17.01 -2.45 15.98
C VAL D 83 -15.77 -2.84 16.77
N LYS D 84 -15.69 -4.09 17.26
CA LYS D 84 -14.60 -4.50 18.16
C LYS D 84 -14.25 -5.99 18.08
N ASP D 85 -13.03 -6.30 17.64
CA ASP D 85 -12.57 -7.70 17.56
C ASP D 85 -12.37 -8.30 18.97
N ILE D 86 -12.20 -9.61 19.03
CA ILE D 86 -12.07 -10.33 20.30
C ILE D 86 -10.61 -10.56 20.69
N LYS D 87 -9.70 -10.02 19.87
CA LYS D 87 -8.29 -10.08 20.14
C LYS D 87 -7.60 -8.75 19.83
N GLU D 88 -6.40 -8.60 20.38
CA GLU D 88 -5.49 -7.51 20.09
C GLU D 88 -4.16 -8.23 19.92
N TYR D 89 -3.19 -7.58 19.27
CA TYR D 89 -1.91 -8.25 19.06
C TYR D 89 -0.74 -7.32 18.75
N TYR D 90 0.46 -7.90 18.74
CA TYR D 90 1.67 -7.15 18.45
C TYR D 90 2.50 -7.85 17.40
N HIS D 91 2.94 -7.09 16.39
CA HIS D 91 3.74 -7.67 15.31
C HIS D 91 5.17 -7.34 15.58
N VAL D 92 5.94 -8.37 15.91
CA VAL D 92 7.33 -8.23 16.24
C VAL D 92 8.17 -8.68 15.05
N TYR D 93 9.01 -7.76 14.59
CA TYR D 93 10.07 -8.08 13.64
C TYR D 93 11.37 -7.57 14.21
N PRO D 94 12.50 -8.24 13.88
CA PRO D 94 13.84 -7.80 14.32
C PRO D 94 14.13 -6.37 13.92
N TRP D 95 13.60 -5.97 12.77
CA TRP D 95 13.80 -4.63 12.24
C TRP D 95 12.81 -3.60 12.78
N GLY D 96 11.79 -4.07 13.48
CA GLY D 96 10.59 -3.26 13.80
C GLY D 96 10.61 -2.66 15.18
N ARG D 97 9.58 -1.88 15.48
CA ARG D 97 9.43 -1.30 16.82
C ARG D 97 9.08 -2.33 17.88
N ILE D 98 9.80 -2.28 18.99
CA ILE D 98 9.64 -3.19 20.12
C ILE D 98 9.86 -2.42 21.42
N PRO D 99 8.98 -2.59 22.42
CA PRO D 99 9.23 -1.85 23.66
C PRO D 99 10.55 -2.26 24.32
N ASP D 100 11.27 -1.28 24.88
CA ASP D 100 12.62 -1.49 25.39
C ASP D 100 12.70 -2.64 26.38
N SER D 101 11.73 -2.71 27.27
CA SER D 101 11.79 -3.63 28.37
C SER D 101 11.49 -5.06 27.89
N LEU D 102 10.98 -5.21 26.67
CA LEU D 102 10.60 -6.51 26.16
C LEU D 102 11.50 -7.02 25.02
N ARG D 103 12.34 -6.15 24.48
CA ARG D 103 13.20 -6.48 23.33
C ARG D 103 14.06 -7.72 23.52
N ALA D 104 14.83 -7.78 24.61
CA ALA D 104 15.86 -8.81 24.80
C ALA D 104 15.29 -10.23 24.74
N ASN D 105 14.27 -10.49 25.55
CA ASN D 105 13.58 -11.79 25.58
C ASN D 105 12.84 -12.14 24.30
N ILE D 106 12.08 -11.19 23.75
CA ILE D 106 11.30 -11.55 22.57
C ILE D 106 12.25 -11.84 21.38
N LEU D 107 13.35 -11.10 21.25
CA LEU D 107 14.29 -11.38 20.15
C LEU D 107 15.13 -12.63 20.39
N ALA D 108 15.35 -12.96 21.65
CA ALA D 108 16.03 -14.20 21.97
C ALA D 108 15.13 -15.36 21.59
N TYR D 109 13.82 -15.21 21.84
CA TYR D 109 12.87 -16.23 21.43
C TYR D 109 12.79 -16.32 19.89
N TYR D 110 12.79 -15.19 19.22
CA TYR D 110 12.70 -15.14 17.77
C TYR D 110 13.88 -15.89 17.18
N GLU D 111 15.09 -15.62 17.67
CA GLU D 111 16.29 -16.34 17.23
C GLU D 111 16.17 -17.86 17.46
N LYS D 112 15.71 -18.27 18.64
CA LYS D 112 15.68 -19.68 19.00
C LYS D 112 14.64 -20.42 18.17
N ALA D 113 13.50 -19.79 17.97
CA ALA D 113 12.45 -20.40 17.15
C ALA D 113 12.87 -20.45 15.67
N ASN D 114 13.57 -19.40 15.20
CA ASN D 114 14.10 -19.43 13.84
C ASN D 114 15.15 -20.53 13.61
N THR D 115 16.06 -20.70 14.56
CA THR D 115 17.11 -21.74 14.52
C THR D 115 16.47 -23.13 14.45
N LEU D 116 15.47 -23.39 15.30
CA LEU D 116 14.70 -24.65 15.21
C LEU D 116 13.96 -24.78 13.88
N ALA D 117 13.26 -23.74 13.44
CA ALA D 117 12.55 -23.83 12.18
C ALA D 117 13.53 -24.17 11.06
N SER D 118 14.71 -23.59 11.16
CA SER D 118 15.76 -23.85 10.20
C SER D 118 16.17 -25.34 10.18
N GLU D 119 16.38 -25.94 11.35
CA GLU D 119 16.64 -27.38 11.43
C GLU D 119 15.52 -28.22 10.83
N LEU D 120 14.29 -27.86 11.18
CA LEU D 120 13.11 -28.61 10.75
C LEU D 120 12.97 -28.62 9.23
N LEU D 121 13.27 -27.49 8.59
CA LEU D 121 13.30 -27.41 7.16
C LEU D 121 14.40 -28.32 6.57
N GLU D 122 15.50 -28.51 7.30
CA GLU D 122 16.54 -29.44 6.82
C GLU D 122 15.96 -30.84 6.82
N TRP D 123 15.20 -31.14 7.87
CA TRP D 123 14.58 -32.45 8.00
C TRP D 123 13.64 -32.66 6.83
N ILE D 124 12.76 -31.68 6.59
CA ILE D 124 11.77 -31.77 5.52
C ILE D 124 12.47 -32.01 4.18
N GLU D 125 13.57 -31.30 3.91
CA GLU D 125 14.31 -31.53 2.66
C GLU D 125 14.90 -32.94 2.65
N THR D 126 15.54 -33.33 3.74
CA THR D 126 16.24 -34.62 3.81
C THR D 126 15.31 -35.76 3.46
N TYR D 127 14.09 -35.71 3.98
CA TYR D 127 13.14 -36.81 3.84
C TYR D 127 12.10 -36.63 2.73
N SER D 128 12.29 -35.60 1.90
CA SER D 128 11.54 -35.50 0.65
C SER D 128 12.18 -36.48 -0.33
N PRO D 129 11.38 -37.11 -1.21
CA PRO D 129 11.92 -37.90 -2.29
C PRO D 129 12.65 -37.04 -3.30
N ASP D 130 13.62 -37.64 -4.01
CA ASP D 130 14.46 -36.92 -4.96
C ASP D 130 13.64 -36.06 -5.91
N GLU D 131 12.53 -36.58 -6.43
CA GLU D 131 11.73 -35.85 -7.41
C GLU D 131 11.02 -34.63 -6.77
N ILE D 132 10.84 -34.64 -5.46
CA ILE D 132 10.36 -33.46 -4.74
C ILE D 132 11.51 -32.52 -4.39
N LYS D 133 12.57 -33.01 -3.76
CA LYS D 133 13.82 -32.22 -3.54
C LYS D 133 14.21 -31.41 -4.77
N ALA D 134 14.12 -32.07 -5.93
CA ALA D 134 14.57 -31.51 -7.20
C ALA D 134 13.74 -30.31 -7.63
N LYS D 135 12.59 -30.08 -6.99
CA LYS D 135 11.71 -28.95 -7.27
C LYS D 135 12.02 -27.73 -6.39
N PHE D 136 12.91 -27.91 -5.41
CA PHE D 136 13.25 -26.82 -4.51
C PHE D 136 14.30 -25.99 -5.18
N SER D 137 14.02 -24.72 -5.42
CA SER D 137 14.92 -23.88 -6.18
C SER D 137 16.24 -23.64 -5.43
N ILE D 138 16.17 -23.45 -4.12
CA ILE D 138 17.36 -23.41 -3.23
C ILE D 138 17.04 -24.29 -2.03
N PRO D 139 18.05 -24.61 -1.20
CA PRO D 139 17.73 -25.41 -0.02
C PRO D 139 16.73 -24.71 0.89
N LEU D 140 15.78 -25.45 1.43
CA LEU D 140 14.67 -24.89 2.18
C LEU D 140 15.17 -23.98 3.29
N PRO D 141 16.21 -24.36 4.01
CA PRO D 141 16.63 -23.44 5.06
C PRO D 141 17.08 -22.07 4.56
N GLU D 142 17.59 -22.00 3.34
CA GLU D 142 18.11 -20.74 2.81
C GLU D 142 17.00 -19.79 2.45
N MSE D 143 15.82 -20.35 2.19
CA MSE D 143 14.62 -19.56 1.90
C MSE D 143 14.22 -18.66 3.05
O MSE D 143 13.59 -17.64 2.81
CB MSE D 143 13.43 -20.47 1.56
CG MSE D 143 13.64 -21.37 0.40
SE MSE D 143 12.03 -22.32 -0.08
CE MSE D 143 12.65 -22.92 -1.83
N ILE D 144 14.55 -19.01 4.30
CA ILE D 144 14.11 -18.21 5.47
C ILE D 144 15.24 -17.47 6.24
N ALA D 145 16.51 -17.76 5.94
CA ALA D 145 17.64 -17.20 6.67
C ALA D 145 17.67 -15.70 6.49
N ASN D 146 17.68 -14.96 7.59
CA ASN D 146 17.63 -13.50 7.56
C ASN D 146 16.43 -12.95 6.79
N SER D 147 15.30 -13.65 6.84
CA SER D 147 14.12 -13.24 6.10
C SER D 147 13.50 -11.95 6.66
N HIS D 148 13.32 -10.96 5.79
CA HIS D 148 12.73 -9.68 6.14
C HIS D 148 11.26 -9.82 6.55
N LYS D 149 10.56 -10.76 5.91
CA LYS D 149 9.11 -10.92 6.10
C LYS D 149 8.68 -11.82 7.27
N THR D 150 9.58 -12.63 7.82
CA THR D 150 9.22 -13.53 8.90
C THR D 150 8.65 -12.68 10.05
N LEU D 151 7.47 -13.08 10.52
CA LEU D 151 6.65 -12.33 11.46
C LEU D 151 6.44 -13.16 12.70
N LEU D 152 6.76 -12.59 13.87
CA LEU D 152 6.37 -13.15 15.17
C LEU D 152 5.18 -12.34 15.69
N ARG D 153 4.01 -12.98 15.77
CA ARG D 153 2.76 -12.36 16.21
CA ARG D 153 2.80 -12.31 16.24
C ARG D 153 2.54 -12.72 17.67
N ILE D 154 2.37 -11.72 18.53
CA ILE D 154 2.00 -11.96 19.91
C ILE D 154 0.54 -11.64 19.99
N LEU D 155 -0.25 -12.70 20.10
CA LEU D 155 -1.73 -12.65 20.07
C LEU D 155 -2.32 -12.71 21.46
N HIS D 156 -3.23 -11.79 21.79
CA HIS D 156 -3.87 -11.74 23.12
C HIS D 156 -5.37 -11.65 23.01
N TYR D 157 -6.09 -12.65 23.52
CA TYR D 157 -7.56 -12.61 23.62
C TYR D 157 -7.88 -12.18 25.02
N PRO D 158 -8.41 -10.97 25.21
CA PRO D 158 -8.64 -10.58 26.60
C PRO D 158 -9.81 -11.30 27.27
N PRO D 159 -9.96 -11.12 28.60
CA PRO D 159 -11.11 -11.60 29.32
C PRO D 159 -12.41 -11.06 28.77
N MSE D 160 -13.39 -11.95 28.69
CA MSE D 160 -14.76 -11.57 28.40
C MSE D 160 -15.29 -10.85 29.63
O MSE D 160 -15.17 -11.38 30.74
CB MSE D 160 -15.59 -12.81 28.11
CG MSE D 160 -15.08 -13.56 26.88
SE MSE D 160 -16.15 -13.15 25.35
CE MSE D 160 -14.79 -13.11 23.96
N THR D 161 -15.84 -9.67 29.40
CA THR D 161 -16.30 -8.79 30.47
C THR D 161 -17.83 -8.89 30.64
N GLY D 162 -18.29 -8.96 31.89
CA GLY D 162 -19.71 -8.85 32.24
C GLY D 162 -20.65 -9.87 31.62
N ASP D 163 -21.43 -9.42 30.63
CA ASP D 163 -22.38 -10.29 29.91
C ASP D 163 -21.99 -10.40 28.44
N GLU D 164 -20.68 -10.32 28.17
CA GLU D 164 -20.17 -10.71 26.86
C GLU D 164 -20.24 -12.24 26.79
N GLU D 165 -20.62 -12.76 25.63
CA GLU D 165 -20.77 -14.20 25.43
C GLU D 165 -19.57 -14.71 24.64
N MSE D 166 -19.20 -15.96 24.88
CA MSE D 166 -18.05 -16.58 24.21
C MSE D 166 -18.54 -17.49 23.09
O MSE D 166 -19.27 -18.45 23.34
CB MSE D 166 -17.20 -17.38 25.21
CG MSE D 166 -15.78 -17.64 24.76
SE MSE D 166 -14.74 -18.76 25.97
CE MSE D 166 -13.11 -17.72 25.91
N GLY D 167 -18.14 -17.18 21.86
CA GLY D 167 -18.46 -18.03 20.72
C GLY D 167 -17.83 -19.41 20.83
N ALA D 168 -18.37 -20.35 20.07
CA ALA D 168 -17.82 -21.71 19.99
C ALA D 168 -16.47 -21.74 19.28
N ILE D 169 -16.28 -20.80 18.36
CA ILE D 169 -15.06 -20.75 17.56
C ILE D 169 -14.29 -19.47 17.91
N ARG D 170 -13.03 -19.65 18.34
CA ARG D 170 -12.17 -18.54 18.71
C ARG D 170 -11.45 -18.00 17.48
N ALA D 171 -10.76 -18.86 16.73
CA ALA D 171 -10.13 -18.44 15.46
C ALA D 171 -10.64 -19.29 14.33
N ALA D 172 -11.19 -18.63 13.30
CA ALA D 172 -11.91 -19.31 12.22
C ALA D 172 -11.00 -20.17 11.36
N ALA D 173 -11.56 -21.25 10.82
CA ALA D 173 -10.86 -22.10 9.87
C ALA D 173 -10.08 -21.26 8.86
N HIS D 174 -8.79 -21.57 8.72
CA HIS D 174 -7.91 -20.90 7.76
C HIS D 174 -6.68 -21.75 7.40
N GLU D 175 -6.01 -21.36 6.32
CA GLU D 175 -4.71 -21.90 5.97
C GLU D 175 -3.69 -20.74 6.03
N ASP D 176 -2.44 -21.05 6.40
CA ASP D 176 -1.36 -20.08 6.40
C ASP D 176 -0.79 -20.00 4.99
N ILE D 177 -0.29 -18.82 4.60
CA ILE D 177 0.15 -18.62 3.23
C ILE D 177 1.65 -18.88 3.12
N ASN D 178 2.31 -18.82 4.26
CA ASN D 178 3.76 -18.72 4.30
C ASN D 178 4.46 -20.10 4.15
N LEU D 179 5.72 -20.23 4.53
CA LEU D 179 6.43 -21.49 4.31
C LEU D 179 6.12 -22.52 5.39
N ILE D 180 6.51 -22.23 6.64
CA ILE D 180 6.04 -22.98 7.82
C ILE D 180 5.75 -22.02 8.97
N THR D 181 4.96 -22.48 9.92
CA THR D 181 4.61 -21.70 11.11
C THR D 181 4.91 -22.56 12.33
N VAL D 182 5.44 -21.93 13.36
CA VAL D 182 5.91 -22.60 14.57
C VAL D 182 5.21 -21.98 15.75
N LEU D 183 4.57 -22.79 16.58
CA LEU D 183 3.79 -22.30 17.74
C LEU D 183 3.97 -23.16 18.99
N PRO D 184 4.42 -22.57 20.11
CA PRO D 184 4.33 -23.28 21.39
C PRO D 184 2.90 -23.34 21.94
N THR D 185 2.50 -24.48 22.51
CA THR D 185 1.18 -24.58 23.12
C THR D 185 1.32 -24.27 24.60
N ALA D 186 0.21 -24.27 25.33
CA ALA D 186 0.25 -23.98 26.77
C ALA D 186 -0.93 -24.62 27.51
N ASN D 187 -1.23 -25.87 27.14
CA ASN D 187 -2.24 -26.67 27.84
C ASN D 187 -3.65 -26.07 27.81
N GLU D 188 -3.98 -25.36 26.74
CA GLU D 188 -5.32 -24.85 26.49
C GLU D 188 -5.82 -25.59 25.25
N PRO D 189 -6.67 -26.61 25.43
CA PRO D 189 -7.14 -27.32 24.23
C PRO D 189 -8.00 -26.43 23.33
N GLY D 190 -8.04 -26.77 22.05
CA GLY D 190 -8.85 -26.03 21.09
C GLY D 190 -8.34 -26.03 19.66
N LEU D 191 -7.02 -26.06 19.48
CA LEU D 191 -6.44 -25.97 18.14
C LEU D 191 -6.81 -27.27 17.47
N GLN D 192 -7.38 -27.17 16.27
CA GLN D 192 -7.78 -28.34 15.52
C GLN D 192 -7.33 -28.22 14.08
N VAL D 193 -7.08 -29.37 13.47
CA VAL D 193 -6.65 -29.47 12.08
CA VAL D 193 -6.68 -29.42 12.08
C VAL D 193 -7.67 -30.29 11.29
N LYS D 194 -7.95 -29.88 10.06
CA LYS D 194 -8.91 -30.58 9.22
C LYS D 194 -8.33 -31.90 8.68
N ALA D 195 -9.00 -33.01 8.99
CA ALA D 195 -8.67 -34.33 8.44
C ALA D 195 -9.17 -34.47 6.99
N LYS D 196 -8.65 -35.46 6.28
CA LYS D 196 -9.07 -35.72 4.90
C LYS D 196 -10.57 -36.10 4.76
N ASP D 197 -11.20 -36.55 5.85
CA ASP D 197 -12.61 -36.97 5.80
C ASP D 197 -13.59 -35.92 6.32
N GLY D 198 -13.16 -34.67 6.38
CA GLY D 198 -14.03 -33.56 6.77
C GLY D 198 -14.23 -33.41 8.27
N SER D 199 -13.56 -34.24 9.06
CA SER D 199 -13.67 -34.18 10.51
C SER D 199 -12.52 -33.31 11.05
N TRP D 200 -12.57 -33.00 12.35
CA TRP D 200 -11.57 -32.14 12.99
C TRP D 200 -10.74 -32.94 13.97
N LEU D 201 -9.43 -32.94 13.78
CA LEU D 201 -8.48 -33.55 14.73
C LEU D 201 -8.04 -32.54 15.77
N ASP D 202 -7.90 -32.99 17.01
CA ASP D 202 -7.36 -32.16 18.08
C ASP D 202 -5.86 -32.23 18.02
N VAL D 203 -5.22 -31.07 18.16
CA VAL D 203 -3.78 -31.02 18.28
C VAL D 203 -3.42 -31.13 19.77
N PRO D 204 -2.57 -32.11 20.15
CA PRO D 204 -2.19 -32.22 21.57
C PRO D 204 -1.48 -30.97 21.98
N SER D 205 -1.88 -30.39 23.10
CA SER D 205 -1.45 -29.03 23.43
C SER D 205 -0.81 -28.90 24.82
N ASP D 206 -0.39 -30.04 25.38
CA ASP D 206 0.42 -30.12 26.62
C ASP D 206 1.53 -29.07 26.68
N PHE D 207 1.86 -28.57 27.87
CA PHE D 207 3.09 -27.77 28.05
C PHE D 207 4.28 -28.55 27.49
N GLY D 208 5.16 -27.84 26.81
CA GLY D 208 6.34 -28.48 26.26
C GLY D 208 6.19 -28.96 24.84
N ASN D 209 4.97 -28.95 24.32
CA ASN D 209 4.73 -29.19 22.89
C ASN D 209 4.96 -27.94 22.07
N ILE D 210 5.53 -28.13 20.89
CA ILE D 210 5.62 -27.11 19.88
C ILE D 210 5.02 -27.65 18.57
N ILE D 211 4.13 -26.85 17.96
CA ILE D 211 3.34 -27.24 16.80
C ILE D 211 3.85 -26.58 15.51
N ILE D 212 4.11 -27.40 14.50
CA ILE D 212 4.62 -26.92 13.23
C ILE D 212 3.62 -27.27 12.15
N ASN D 213 3.42 -26.35 11.19
CA ASN D 213 2.55 -26.66 10.05
C ASN D 213 3.03 -26.09 8.72
N ILE D 214 2.66 -26.79 7.67
CA ILE D 214 2.98 -26.44 6.29
C ILE D 214 2.10 -25.28 5.87
N GLY D 215 2.69 -24.31 5.19
CA GLY D 215 1.98 -23.16 4.65
C GLY D 215 1.88 -23.22 3.14
N ASP D 216 1.09 -22.32 2.55
CA ASP D 216 0.74 -22.43 1.12
C ASP D 216 1.99 -22.42 0.23
N MSE D 217 2.99 -21.65 0.63
CA MSE D 217 4.16 -21.48 -0.22
C MSE D 217 5.02 -22.74 -0.24
O MSE D 217 5.68 -23.03 -1.23
CB MSE D 217 4.97 -20.25 0.18
CG MSE D 217 4.48 -18.98 -0.49
SE MSE D 217 5.21 -17.43 0.39
CE MSE D 217 3.90 -16.10 -0.19
N LEU D 218 4.97 -23.54 0.82
CA LEU D 218 5.73 -24.78 0.84
C LEU D 218 4.94 -25.90 0.12
N GLN D 219 3.62 -25.92 0.24
CA GLN D 219 2.78 -26.71 -0.66
C GLN D 219 3.08 -26.43 -2.13
N GLU D 220 3.11 -25.16 -2.51
CA GLU D 220 3.44 -24.80 -3.89
C GLU D 220 4.84 -25.32 -4.26
N ALA D 221 5.81 -25.11 -3.38
CA ALA D 221 7.20 -25.43 -3.68
C ALA D 221 7.40 -26.93 -3.83
N SER D 222 6.62 -27.71 -3.09
CA SER D 222 6.71 -29.17 -3.12
C SER D 222 5.70 -29.83 -4.07
N ASP D 223 5.03 -29.02 -4.88
CA ASP D 223 4.10 -29.53 -5.90
C ASP D 223 2.96 -30.29 -5.24
N GLY D 224 2.54 -29.81 -4.08
CA GLY D 224 1.44 -30.39 -3.35
C GLY D 224 1.80 -31.60 -2.53
N TYR D 225 3.09 -31.96 -2.48
CA TYR D 225 3.53 -33.13 -1.69
C TYR D 225 3.32 -32.92 -0.18
N PHE D 226 3.77 -31.79 0.35
CA PHE D 226 3.42 -31.32 1.70
C PHE D 226 2.19 -30.41 1.62
N PRO D 227 1.08 -30.83 2.26
CA PRO D 227 -0.15 -30.06 2.17
C PRO D 227 -0.25 -28.94 3.21
N SER D 228 -0.79 -27.78 2.80
CA SER D 228 -1.12 -26.68 3.72
C SER D 228 -2.56 -26.90 4.18
N THR D 229 -2.73 -27.23 5.45
CA THR D 229 -3.99 -27.78 5.95
C THR D 229 -4.80 -26.75 6.71
N SER D 230 -6.11 -26.77 6.52
CA SER D 230 -7.02 -25.91 7.27
C SER D 230 -6.95 -26.19 8.78
N HIS D 231 -6.88 -25.13 9.58
CA HIS D 231 -6.91 -25.24 11.04
C HIS D 231 -7.68 -24.09 11.69
N ARG D 232 -8.11 -24.32 12.92
CA ARG D 232 -8.95 -23.40 13.66
C ARG D 232 -8.73 -23.58 15.13
N VAL D 233 -9.25 -22.67 15.94
CA VAL D 233 -9.21 -22.85 17.39
C VAL D 233 -10.60 -22.75 17.94
N ILE D 234 -11.13 -23.86 18.49
CA ILE D 234 -12.44 -23.82 19.14
C ILE D 234 -12.30 -23.48 20.63
N ASN D 235 -13.43 -23.13 21.24
CA ASN D 235 -13.56 -22.92 22.67
C ASN D 235 -14.37 -24.07 23.21
N PRO D 236 -13.71 -25.18 23.58
CA PRO D 236 -14.48 -26.35 24.04
C PRO D 236 -15.21 -26.13 25.37
N GLU D 237 -16.01 -27.12 25.77
CA GLU D 237 -16.81 -27.02 27.01
C GLU D 237 -15.91 -26.81 28.24
N GLY D 238 -16.24 -25.79 29.03
CA GLY D 238 -15.49 -25.49 30.25
C GLY D 238 -14.46 -24.38 30.13
N THR D 239 -14.19 -23.90 28.91
CA THR D 239 -13.22 -22.82 28.72
C THR D 239 -13.66 -21.63 29.59
N ASP D 240 -12.73 -21.13 30.40
CA ASP D 240 -13.04 -20.03 31.32
C ASP D 240 -12.97 -18.71 30.54
N LYS D 241 -14.14 -18.14 30.29
CA LYS D 241 -14.28 -16.90 29.53
C LYS D 241 -13.54 -15.72 30.18
N THR D 242 -13.27 -15.81 31.48
CA THR D 242 -12.60 -14.73 32.19
C THR D 242 -11.06 -14.83 32.16
N LYS D 243 -10.49 -15.81 31.46
CA LYS D 243 -9.03 -15.91 31.39
C LYS D 243 -8.47 -15.41 30.05
N SER D 244 -7.43 -14.58 30.16
CA SER D 244 -6.69 -14.13 29.00
C SER D 244 -5.99 -15.32 28.39
N ARG D 245 -5.81 -15.26 27.09
CA ARG D 245 -4.97 -16.23 26.37
C ARG D 245 -3.95 -15.51 25.47
N ILE D 246 -2.67 -15.84 25.65
CA ILE D 246 -1.58 -15.31 24.85
C ILE D 246 -0.98 -16.45 24.08
N SER D 247 -0.58 -16.17 22.85
CA SER D 247 0.13 -17.16 22.06
C SER D 247 1.18 -16.47 21.19
N LEU D 248 2.13 -17.24 20.72
CA LEU D 248 3.36 -16.70 20.14
C LEU D 248 3.67 -17.29 18.78
N PRO D 249 2.72 -17.23 17.86
CA PRO D 249 3.02 -17.86 16.58
C PRO D 249 4.12 -17.17 15.75
N LEU D 250 5.03 -17.98 15.20
CA LEU D 250 6.10 -17.50 14.30
C LEU D 250 5.82 -17.94 12.87
N PHE D 251 5.58 -16.97 11.98
CA PHE D 251 5.29 -17.26 10.59
C PHE D 251 6.56 -17.07 9.76
N LEU D 252 7.18 -18.17 9.33
CA LEU D 252 8.41 -18.13 8.54
C LEU D 252 8.00 -17.87 7.10
N HIS D 253 8.50 -16.75 6.55
CA HIS D 253 8.25 -16.32 5.18
C HIS D 253 9.53 -16.43 4.39
N PRO D 254 9.46 -16.98 3.17
CA PRO D 254 10.62 -17.01 2.32
C PRO D 254 10.93 -15.61 1.80
N HIS D 255 12.13 -15.39 1.27
CA HIS D 255 12.44 -14.09 0.68
C HIS D 255 11.51 -13.95 -0.50
N PRO D 256 11.06 -12.72 -0.78
CA PRO D 256 10.14 -12.55 -1.89
C PRO D 256 10.69 -13.02 -3.26
N SER D 257 12.00 -12.99 -3.44
CA SER D 257 12.56 -13.37 -4.72
C SER D 257 12.74 -14.88 -4.87
N VAL D 258 12.39 -15.66 -3.84
CA VAL D 258 12.52 -17.13 -3.97
C VAL D 258 11.60 -17.64 -5.07
N VAL D 259 12.17 -18.39 -6.00
CA VAL D 259 11.38 -19.14 -7.00
C VAL D 259 10.77 -20.33 -6.27
N LEU D 260 9.45 -20.42 -6.25
CA LEU D 260 8.78 -21.56 -5.64
C LEU D 260 8.56 -22.67 -6.65
N SER D 261 8.37 -22.28 -7.90
CA SER D 261 8.00 -23.22 -8.94
C SER D 261 8.08 -22.53 -10.29
N GLU D 262 7.79 -23.27 -11.35
CA GLU D 262 7.73 -22.74 -12.70
C GLU D 262 6.76 -21.55 -12.76
N ARG D 263 5.74 -21.56 -11.89
CA ARG D 263 4.64 -20.58 -11.96
C ARG D 263 4.81 -19.32 -11.10
N TYR D 264 5.51 -19.42 -9.98
CA TYR D 264 5.53 -18.33 -9.01
C TYR D 264 6.87 -18.14 -8.31
N THR D 265 7.20 -16.88 -8.04
CA THR D 265 8.08 -16.54 -6.93
C THR D 265 7.21 -16.30 -5.68
N ALA D 266 7.83 -16.19 -4.52
CA ALA D 266 7.09 -15.86 -3.29
C ALA D 266 6.36 -14.52 -3.47
N ASP D 267 7.03 -13.56 -4.10
CA ASP D 267 6.48 -12.24 -4.37
C ASP D 267 5.26 -12.37 -5.31
N SER D 268 5.43 -13.01 -6.47
CA SER D 268 4.31 -13.14 -7.42
C SER D 268 3.14 -14.00 -6.92
N TYR D 269 3.43 -14.87 -5.95
CA TYR D 269 2.41 -15.68 -5.29
C TYR D 269 1.54 -14.78 -4.37
N LEU D 270 2.19 -13.98 -3.55
CA LEU D 270 1.48 -13.03 -2.71
C LEU D 270 0.71 -12.00 -3.57
N MSE D 271 1.36 -11.43 -4.56
CA MSE D 271 0.67 -10.49 -5.43
C MSE D 271 -0.63 -11.08 -5.99
O MSE D 271 -1.67 -10.45 -5.88
CB MSE D 271 1.57 -10.00 -6.55
CG MSE D 271 2.69 -9.02 -6.11
SE MSE D 271 2.08 -7.49 -5.03
CE MSE D 271 2.80 -8.02 -3.35
N GLU D 272 -0.58 -12.29 -6.53
CA GLU D 272 -1.75 -12.96 -7.11
C GLU D 272 -2.84 -13.21 -6.06
N ARG D 273 -2.42 -13.51 -4.83
CA ARG D 273 -3.37 -13.64 -3.73
C ARG D 273 -4.13 -12.35 -3.58
N LEU D 274 -3.41 -11.22 -3.55
CA LEU D 274 -4.03 -9.90 -3.42
C LEU D 274 -4.96 -9.53 -4.58
N ARG D 275 -4.60 -9.90 -5.80
CA ARG D 275 -5.51 -9.71 -6.93
C ARG D 275 -6.72 -10.62 -6.77
N GLU D 276 -6.51 -11.83 -6.27
CA GLU D 276 -7.61 -12.73 -6.05
C GLU D 276 -8.61 -12.21 -5.02
N LEU D 277 -8.10 -11.50 -4.01
CA LEU D 277 -8.95 -10.96 -2.97
C LEU D 277 -9.57 -9.62 -3.37
N GLY D 278 -9.13 -9.02 -4.47
CA GLY D 278 -9.75 -7.79 -4.95
C GLY D 278 -9.19 -6.54 -4.28
N VAL D 279 -7.99 -6.63 -3.74
CA VAL D 279 -7.30 -5.53 -3.09
C VAL D 279 -6.79 -4.54 -4.14
N LEU D 280 -7.16 -3.27 -4.04
CA LEU D 280 -6.74 -2.29 -5.05
C LEU D 280 -5.22 -1.93 -5.03
CL CL E . -6.38 -15.54 1.83
CL CL F . -17.61 2.90 2.16
C1 GOL G . -20.69 5.15 -0.88
O1 GOL G . -20.09 4.13 -0.09
C2 GOL G . -22.07 4.68 -1.29
O2 GOL G . -22.64 3.94 -0.21
C3 GOL G . -21.88 3.87 -2.57
O3 GOL G . -21.50 4.70 -3.65
CL CL H . 6.33 15.15 -2.66
CL CL I . -10.19 42.05 -15.08
CL CL J . -6.31 4.78 -16.73
C1 GOL K . -6.35 28.42 3.95
O1 GOL K . -6.87 27.10 4.18
C2 GOL K . -7.08 29.07 2.80
O2 GOL K . -6.87 28.30 1.62
C3 GOL K . -6.62 30.50 2.62
O3 GOL K . -7.48 31.18 1.70
CL CL L . 9.41 2.71 14.66
C1 PEG M . 24.68 0.81 9.42
O1 PEG M . 24.82 -0.57 9.04
C2 PEG M . 25.55 1.13 10.63
O2 PEG M . 26.44 2.26 10.48
C3 PEG M . 26.97 2.65 11.76
C4 PEG M . 26.58 4.09 12.13
O4 PEG M . 25.50 4.17 13.07
CL CL N . 14.30 -10.93 -1.92
C1 GOL O . 1.24 -5.38 -8.54
O1 GOL O . 2.43 -4.62 -8.47
C2 GOL O . 1.45 -6.88 -8.86
O2 GOL O . 2.61 -7.14 -9.66
C3 GOL O . 0.16 -7.37 -9.54
O3 GOL O . -0.27 -8.65 -9.13
#